data_6PBT
#
_entry.id   6PBT
#
_cell.length_a   181.619
_cell.length_b   53.927
_cell.length_c   96.895
_cell.angle_alpha   90.00
_cell.angle_beta   98.82
_cell.angle_gamma   90.00
#
_symmetry.space_group_name_H-M   'C 1 2 1'
#
loop_
_entity.id
_entity.type
_entity.pdbx_description
1 polymer 'Pseudopaline Dehydrogenase'
2 non-polymer 'NADP NICOTINAMIDE-ADENINE-DINUCLEOTIDE PHOSPHATE'
3 non-polymer N-[(3S)-3-amino-3-carboxypropyl]-L-histidine
4 non-polymer 1,2-ETHANEDIOL
5 water water
#
_entity_poly.entity_id   1
_entity_poly.type   'polypeptide(L)'
_entity_poly.pdbx_seq_one_letter_code
;HHHHHHSSGLVPRGSHMNAADESLGNVLLVGLGAVAIQVALDLRRHGAGRLGALNHPGRRSQRIAEALARGACLQLEGQG
QHRWLSGNAALDVFHQDPAELRDDWQTLVLCVPADSYLDVVRGLPWERLGGVRTLLLVSAFIGANLLVRSALPAGCQATV
LSLSSYYAATKVIDETQPLRALTKAVKRRVYLGSSRPDCPARETWRRVLAGSGVEVVPLATPEAAEGRNVTTYVHSPFFL
GEFALARILSEQGPPGFMYKLYPEGPITPGAIGAMRRLWCELSELLRRMGAEPLNLLRFLNDDNYPVHETMLPRASIDGF
AEAGAERQEYLLFVRYAALLVDPFSPADEQGRHFDFSAVPFRRVSRDEDGLWRLPRVPLEDYRKLALIVALAAHFDLAMP
QARSLLASYENAVSRFIDCQGASQCHPSLYPIDSRPAADAIYRQWCSTC
;
_entity_poly.pdbx_strand_id   A,B
#
# COMPACT_ATOMS: atom_id res chain seq x y z
N SER A 23 -19.85 38.03 -25.51
CA SER A 23 -19.95 36.76 -24.80
C SER A 23 -18.64 36.01 -25.11
N LEU A 24 -18.79 34.77 -25.57
CA LEU A 24 -17.68 34.08 -26.19
C LEU A 24 -17.58 34.33 -27.69
N GLY A 25 -18.66 34.79 -28.32
CA GLY A 25 -18.63 35.01 -29.75
C GLY A 25 -18.28 33.73 -30.50
N ASN A 26 -17.64 33.88 -31.65
CA ASN A 26 -17.16 32.72 -32.39
C ASN A 26 -15.89 32.17 -31.76
N VAL A 27 -15.84 30.85 -31.57
CA VAL A 27 -14.81 30.19 -30.81
C VAL A 27 -14.01 29.29 -31.73
N LEU A 28 -12.69 29.49 -31.78
CA LEU A 28 -11.77 28.65 -32.54
C LEU A 28 -10.98 27.77 -31.57
N LEU A 29 -11.12 26.45 -31.72
CA LEU A 29 -10.33 25.51 -30.96
C LEU A 29 -9.03 25.20 -31.69
N VAL A 30 -7.92 25.38 -31.03
CA VAL A 30 -6.63 25.09 -31.60
C VAL A 30 -6.13 23.76 -31.08
N GLY A 31 -6.05 22.81 -31.96
CA GLY A 31 -5.63 21.47 -31.66
C GLY A 31 -6.88 20.70 -31.42
N LEU A 32 -7.24 19.76 -32.25
CA LEU A 32 -8.46 19.06 -32.08
C LEU A 32 -8.33 17.64 -31.57
N GLY A 33 -8.00 17.49 -30.30
CA GLY A 33 -7.82 16.22 -29.68
C GLY A 33 -8.86 15.87 -28.66
N ALA A 34 -8.51 14.99 -27.72
CA ALA A 34 -9.45 14.58 -26.69
C ALA A 34 -9.96 15.77 -25.90
N VAL A 35 -9.04 16.65 -25.46
CA VAL A 35 -9.46 17.80 -24.67
C VAL A 35 -10.41 18.67 -25.47
N ALA A 36 -10.06 18.95 -26.73
CA ALA A 36 -10.89 19.82 -27.53
C ALA A 36 -12.32 19.30 -27.63
N ILE A 37 -12.49 17.98 -27.63
CA ILE A 37 -13.83 17.44 -27.82
C ILE A 37 -14.67 17.61 -26.56
N GLN A 38 -14.06 17.41 -25.39
CA GLN A 38 -14.74 17.73 -24.14
C GLN A 38 -15.14 19.19 -24.10
N VAL A 39 -14.20 20.08 -24.42
CA VAL A 39 -14.48 21.52 -24.38
C VAL A 39 -15.57 21.87 -25.37
N ALA A 40 -15.55 21.24 -26.54
CA ALA A 40 -16.55 21.55 -27.56
C ALA A 40 -17.94 21.23 -27.05
N LEU A 41 -18.08 20.08 -26.40
CA LEU A 41 -19.34 19.72 -25.78
C LEU A 41 -19.79 20.82 -24.81
N ASP A 42 -18.93 21.15 -23.84
CA ASP A 42 -19.28 22.17 -22.85
C ASP A 42 -19.55 23.51 -23.51
N LEU A 43 -18.84 23.83 -24.59
CA LEU A 43 -19.05 25.10 -25.27
C LEU A 43 -20.40 25.14 -25.97
N ARG A 44 -20.80 24.03 -26.58
CA ARG A 44 -22.07 23.96 -27.27
C ARG A 44 -23.26 23.92 -26.29
N ARG A 45 -23.09 23.37 -25.10
CA ARG A 45 -24.14 23.52 -24.09
C ARG A 45 -24.38 24.99 -23.79
N HIS A 46 -23.30 25.73 -23.56
CA HIS A 46 -23.41 27.14 -23.21
C HIS A 46 -23.87 28.00 -24.38
N GLY A 47 -23.62 27.56 -25.60
CA GLY A 47 -23.99 28.36 -26.76
C GLY A 47 -22.87 29.29 -27.15
N ALA A 48 -22.20 28.96 -28.23
CA ALA A 48 -21.01 29.72 -28.59
C ALA A 48 -21.24 30.67 -29.75
N GLY A 49 -22.18 30.39 -30.64
CA GLY A 49 -22.10 31.02 -31.94
C GLY A 49 -21.30 30.05 -32.76
N ARG A 50 -20.43 30.51 -33.65
CA ARG A 50 -19.70 29.58 -34.50
C ARG A 50 -18.59 28.86 -33.72
N LEU A 51 -18.39 27.60 -34.06
CA LEU A 51 -17.38 26.76 -33.44
C LEU A 51 -16.51 26.20 -34.55
N GLY A 52 -15.24 26.62 -34.58
CA GLY A 52 -14.26 26.08 -35.48
C GLY A 52 -13.14 25.35 -34.76
N ALA A 53 -12.25 24.76 -35.55
CA ALA A 53 -11.06 24.10 -35.02
C ALA A 53 -9.96 24.17 -36.07
N LEU A 54 -8.74 24.35 -35.59
CA LEU A 54 -7.52 24.33 -36.38
C LEU A 54 -6.60 23.28 -35.80
N ASN A 55 -6.13 22.38 -36.66
CA ASN A 55 -5.15 21.36 -36.29
C ASN A 55 -4.07 21.24 -37.37
N HIS A 56 -2.81 21.24 -36.96
CA HIS A 56 -1.73 21.27 -37.96
C HIS A 56 -1.78 20.01 -38.83
N PRO A 57 -1.22 20.10 -40.03
CA PRO A 57 -1.39 19.00 -41.00
C PRO A 57 -0.77 17.72 -40.48
N GLY A 58 -1.30 16.62 -40.96
CA GLY A 58 -0.86 15.32 -40.46
C GLY A 58 -1.96 14.29 -40.58
N ARG A 59 -1.63 13.09 -40.10
CA ARG A 59 -2.53 11.97 -40.20
C ARG A 59 -3.84 12.21 -39.46
N ARG A 60 -3.76 12.75 -38.23
CA ARG A 60 -4.99 13.01 -37.49
C ARG A 60 -5.86 14.04 -38.23
N SER A 61 -5.28 15.15 -38.64
CA SER A 61 -6.05 16.15 -39.37
C SER A 61 -6.70 15.53 -40.59
N GLN A 62 -5.97 14.68 -41.32
CA GLN A 62 -6.52 14.05 -42.50
C GLN A 62 -7.76 13.22 -42.15
N ARG A 63 -7.67 12.43 -41.06
CA ARG A 63 -8.80 11.59 -40.67
C ARG A 63 -9.98 12.44 -40.21
N ILE A 64 -9.68 13.56 -39.52
CA ILE A 64 -10.74 14.45 -39.07
C ILE A 64 -11.50 14.98 -40.26
N ALA A 65 -10.78 15.47 -41.30
CA ALA A 65 -11.43 16.07 -42.46
C ALA A 65 -12.30 15.05 -43.18
N GLU A 66 -11.82 13.82 -43.29
CA GLU A 66 -12.63 12.75 -43.87
C GLU A 66 -13.87 12.48 -43.04
N ALA A 67 -13.74 12.44 -41.71
CA ALA A 67 -14.92 12.19 -40.87
C ALA A 67 -15.92 13.33 -41.00
N LEU A 68 -15.45 14.58 -40.90
CA LEU A 68 -16.36 15.72 -41.06
C LEU A 68 -17.02 15.72 -42.44
N ALA A 69 -16.24 15.43 -43.49
CA ALA A 69 -16.80 15.37 -44.84
C ALA A 69 -17.82 14.23 -44.99
N ARG A 70 -17.70 13.17 -44.19
CA ARG A 70 -18.70 12.08 -44.22
C ARG A 70 -19.91 12.38 -43.31
N GLY A 71 -19.99 13.57 -42.72
CA GLY A 71 -21.12 13.92 -41.86
C GLY A 71 -20.93 13.69 -40.38
N ALA A 72 -19.74 13.33 -39.92
CA ALA A 72 -19.60 13.03 -38.51
C ALA A 72 -19.65 14.31 -37.67
N CYS A 73 -19.94 14.13 -36.40
CA CYS A 73 -19.90 15.20 -35.43
C CYS A 73 -18.96 14.79 -34.32
N LEU A 74 -18.52 15.77 -33.53
CA LEU A 74 -17.81 15.42 -32.31
C LEU A 74 -18.74 14.66 -31.38
N GLN A 75 -18.24 13.59 -30.77
CA GLN A 75 -19.01 12.78 -29.84
C GLN A 75 -18.24 12.51 -28.58
N LEU A 76 -18.88 12.69 -27.45
CA LEU A 76 -18.26 12.45 -26.17
C LEU A 76 -19.07 11.45 -25.35
N GLU A 77 -18.36 10.40 -24.90
CA GLU A 77 -18.88 9.34 -24.03
C GLU A 77 -18.37 9.57 -22.61
N GLY A 78 -19.28 9.66 -21.63
CA GLY A 78 -18.88 9.61 -20.23
C GLY A 78 -18.88 8.16 -19.75
N GLN A 79 -17.83 7.78 -19.03
CA GLN A 79 -17.68 6.40 -18.60
C GLN A 79 -18.15 6.22 -17.16
N GLY A 80 -18.85 5.12 -16.92
CA GLY A 80 -19.27 4.81 -15.56
C GLY A 80 -20.26 5.85 -15.07
N GLN A 81 -19.98 6.40 -13.89
CA GLN A 81 -20.90 7.35 -13.32
C GLN A 81 -20.87 8.70 -14.01
N HIS A 82 -20.02 8.85 -15.04
CA HIS A 82 -19.94 10.06 -15.83
C HIS A 82 -20.78 10.00 -17.10
N ARG A 83 -21.50 8.90 -17.35
CA ARG A 83 -22.20 8.77 -18.63
C ARG A 83 -23.31 9.80 -18.79
N TRP A 84 -23.65 10.53 -17.73
CA TRP A 84 -24.60 11.63 -17.88
C TRP A 84 -24.04 12.75 -18.73
N LEU A 85 -22.70 12.84 -18.83
CA LEU A 85 -22.02 13.86 -19.63
C LEU A 85 -22.15 13.64 -21.13
N SER A 86 -22.45 12.41 -21.58
CA SER A 86 -22.43 12.07 -22.99
C SER A 86 -23.28 13.04 -23.81
N GLY A 87 -22.77 13.39 -24.98
CA GLY A 87 -23.45 14.25 -25.92
C GLY A 87 -22.70 14.27 -27.24
N ASN A 88 -23.31 14.94 -28.20
CA ASN A 88 -22.73 15.14 -29.52
C ASN A 88 -22.69 16.63 -29.77
N ALA A 89 -21.63 17.09 -30.43
CA ALA A 89 -21.53 18.51 -30.77
C ALA A 89 -21.05 18.66 -32.20
N ALA A 90 -21.66 19.63 -32.90
CA ALA A 90 -21.34 19.90 -34.28
C ALA A 90 -20.24 20.95 -34.38
N LEU A 91 -19.37 20.76 -35.37
CA LEU A 91 -18.30 21.68 -35.72
C LEU A 91 -18.67 22.39 -37.00
N ASP A 92 -18.56 23.73 -37.02
CA ASP A 92 -18.94 24.46 -38.22
C ASP A 92 -17.83 24.47 -39.27
N VAL A 93 -16.58 24.57 -38.83
CA VAL A 93 -15.47 24.64 -39.77
C VAL A 93 -14.25 23.99 -39.15
N PHE A 94 -13.52 23.29 -39.99
CA PHE A 94 -12.28 22.65 -39.58
C PHE A 94 -11.19 23.07 -40.54
N HIS A 95 -10.05 23.50 -40.01
CA HIS A 95 -8.93 23.98 -40.80
C HIS A 95 -7.72 23.12 -40.41
N GLN A 96 -7.10 22.51 -41.42
CA GLN A 96 -5.78 21.93 -41.22
C GLN A 96 -4.72 22.80 -41.89
N ASP A 97 -5.07 24.06 -42.20
CA ASP A 97 -4.26 25.01 -42.97
C ASP A 97 -4.59 26.42 -42.48
N PRO A 98 -3.69 27.03 -41.71
CA PRO A 98 -3.97 28.38 -41.21
C PRO A 98 -4.22 29.43 -42.28
N ALA A 99 -3.86 29.20 -43.53
CA ALA A 99 -3.99 30.26 -44.52
C ALA A 99 -5.43 30.58 -44.83
N GLU A 100 -6.34 29.64 -44.56
CA GLU A 100 -7.75 29.86 -44.79
C GLU A 100 -8.43 30.56 -43.62
N LEU A 101 -7.72 30.85 -42.54
CA LEU A 101 -8.36 31.51 -41.42
C LEU A 101 -8.59 32.98 -41.75
N ARG A 102 -9.78 33.47 -41.43
CA ARG A 102 -10.09 34.88 -41.50
C ARG A 102 -10.53 35.40 -40.14
N ASP A 103 -10.69 36.73 -40.06
CA ASP A 103 -10.87 37.44 -38.81
C ASP A 103 -12.32 37.29 -38.35
N ASP A 104 -12.65 36.05 -37.96
CA ASP A 104 -13.99 35.66 -37.60
C ASP A 104 -14.13 35.20 -36.16
N TRP A 105 -13.06 35.26 -35.37
CA TRP A 105 -12.98 34.56 -34.08
C TRP A 105 -12.77 35.57 -32.96
N GLN A 106 -13.59 35.43 -31.92
CA GLN A 106 -13.42 36.21 -30.72
C GLN A 106 -12.64 35.47 -29.66
N THR A 107 -12.78 34.16 -29.59
CA THR A 107 -12.15 33.36 -28.54
C THR A 107 -11.30 32.26 -29.16
N LEU A 108 -10.04 32.16 -28.72
CA LEU A 108 -9.20 31.03 -29.08
C LEU A 108 -9.05 30.11 -27.85
N VAL A 109 -9.21 28.82 -28.04
CA VAL A 109 -9.02 27.85 -26.96
C VAL A 109 -7.87 26.92 -27.35
N LEU A 110 -6.74 27.00 -26.64
CA LEU A 110 -5.59 26.14 -26.97
C LEU A 110 -5.73 24.78 -26.29
N CYS A 111 -6.00 23.75 -27.08
CA CYS A 111 -6.20 22.39 -26.64
C CYS A 111 -5.04 21.49 -27.05
N VAL A 112 -3.93 22.11 -27.43
CA VAL A 112 -2.70 21.43 -27.85
C VAL A 112 -1.92 21.07 -26.58
N PRO A 113 -0.95 20.16 -26.64
CA PRO A 113 -0.08 19.95 -25.48
C PRO A 113 0.53 21.26 -25.00
N ALA A 114 0.67 21.39 -23.69
CA ALA A 114 1.09 22.67 -23.14
C ALA A 114 2.51 23.02 -23.52
N ASP A 115 3.37 22.00 -23.77
CA ASP A 115 4.76 22.28 -24.16
C ASP A 115 4.87 22.81 -25.59
N SER A 116 3.78 22.79 -26.34
CA SER A 116 3.71 23.37 -27.67
C SER A 116 3.06 24.75 -27.72
N TYR A 117 2.67 25.35 -26.58
CA TYR A 117 1.92 26.61 -26.64
C TYR A 117 2.71 27.71 -27.37
N LEU A 118 3.99 27.83 -27.06
CA LEU A 118 4.85 28.81 -27.74
C LEU A 118 4.88 28.60 -29.24
N ASP A 119 5.18 27.37 -29.69
CA ASP A 119 5.18 27.15 -31.14
C ASP A 119 3.83 27.52 -31.75
N VAL A 120 2.75 27.11 -31.08
CA VAL A 120 1.41 27.30 -31.63
C VAL A 120 1.05 28.76 -31.69
N VAL A 121 1.39 29.53 -30.65
CA VAL A 121 1.04 30.94 -30.67
C VAL A 121 1.86 31.67 -31.72
N ARG A 122 3.14 31.31 -31.89
CA ARG A 122 3.95 31.91 -32.95
C ARG A 122 3.41 31.54 -34.33
N GLY A 123 2.94 30.32 -34.52
CA GLY A 123 2.47 29.88 -35.81
C GLY A 123 1.10 30.43 -36.22
N LEU A 124 0.36 31.08 -35.32
CA LEU A 124 -0.97 31.52 -35.68
C LEU A 124 -0.91 32.79 -36.54
N PRO A 125 -1.80 32.93 -37.52
CA PRO A 125 -1.79 34.15 -38.38
C PRO A 125 -2.48 35.34 -37.72
N TRP A 126 -1.76 36.00 -36.80
CA TRP A 126 -2.36 37.08 -36.03
C TRP A 126 -2.72 38.27 -36.88
N GLU A 127 -2.07 38.48 -38.03
CA GLU A 127 -2.50 39.56 -38.90
C GLU A 127 -3.94 39.35 -39.36
N ARG A 128 -4.37 38.12 -39.38
CA ARG A 128 -5.73 37.79 -39.66
C ARG A 128 -6.59 37.48 -38.41
N LEU A 129 -6.13 37.70 -37.20
CA LEU A 129 -6.91 37.43 -36.04
C LEU A 129 -7.08 38.63 -35.12
N GLY A 130 -7.19 39.84 -35.64
CA GLY A 130 -7.28 41.05 -34.85
C GLY A 130 -8.49 41.11 -33.98
N GLY A 131 -9.50 40.41 -34.34
CA GLY A 131 -10.69 40.38 -33.53
C GLY A 131 -10.64 39.43 -32.33
N VAL A 132 -9.55 38.69 -32.16
CA VAL A 132 -9.48 37.78 -31.03
C VAL A 132 -9.40 38.64 -29.78
N ARG A 133 -10.34 38.46 -28.85
CA ARG A 133 -10.20 39.16 -27.58
C ARG A 133 -9.87 38.25 -26.39
N THR A 134 -10.12 36.93 -26.49
CA THR A 134 -9.65 36.03 -25.43
C THR A 134 -8.88 34.81 -25.94
N LEU A 135 -7.84 34.43 -25.22
CA LEU A 135 -7.10 33.22 -25.49
C LEU A 135 -7.01 32.38 -24.22
N LEU A 136 -7.57 31.16 -24.26
CA LEU A 136 -7.61 30.30 -23.09
C LEU A 136 -6.57 29.19 -23.18
N LEU A 137 -5.68 29.12 -22.21
CA LEU A 137 -4.79 27.98 -22.02
C LEU A 137 -5.47 26.97 -21.09
N VAL A 138 -5.87 25.83 -21.64
CA VAL A 138 -6.61 24.83 -20.91
C VAL A 138 -5.75 24.01 -19.95
N SER A 139 -4.48 23.92 -20.18
CA SER A 139 -3.61 23.23 -19.25
C SER A 139 -2.31 24.04 -19.05
N ALA A 140 -2.40 25.09 -18.26
CA ALA A 140 -1.28 25.97 -18.09
C ALA A 140 -0.33 25.50 -16.99
N PHE A 141 0.87 26.03 -17.01
CA PHE A 141 1.95 25.75 -16.07
C PHE A 141 2.54 27.10 -15.67
N ILE A 142 3.33 27.11 -14.61
CA ILE A 142 3.85 28.38 -14.12
C ILE A 142 4.65 29.06 -15.23
N GLY A 143 4.21 30.23 -15.63
CA GLY A 143 4.84 31.01 -16.64
C GLY A 143 4.19 30.94 -18.01
N ALA A 144 3.19 30.08 -18.18
CA ALA A 144 2.61 29.92 -19.51
C ALA A 144 1.91 31.18 -19.95
N ASN A 145 1.17 31.82 -19.04
CA ASN A 145 0.44 33.02 -19.43
C ASN A 145 1.43 34.07 -19.96
N LEU A 146 2.53 34.27 -19.23
CA LEU A 146 3.53 35.27 -19.58
C LEU A 146 4.24 34.93 -20.88
N LEU A 147 4.51 33.65 -21.09
CA LEU A 147 5.20 33.22 -22.30
C LEU A 147 4.34 33.44 -23.52
N VAL A 148 3.05 33.09 -23.44
CA VAL A 148 2.15 33.32 -24.56
C VAL A 148 2.07 34.81 -24.88
N ARG A 149 1.95 35.65 -23.86
CA ARG A 149 1.84 37.08 -24.05
C ARG A 149 3.12 37.66 -24.66
N SER A 150 4.28 37.14 -24.28
CA SER A 150 5.51 37.67 -24.87
C SER A 150 5.57 37.33 -26.35
N ALA A 151 4.91 36.25 -26.76
CA ALA A 151 4.87 35.80 -28.15
C ALA A 151 3.77 36.44 -28.96
N LEU A 152 2.85 37.19 -28.34
CA LEU A 152 1.82 37.83 -29.10
C LEU A 152 2.39 39.02 -29.87
N PRO A 153 1.71 39.47 -30.90
CA PRO A 153 2.16 40.67 -31.61
C PRO A 153 1.91 41.92 -30.79
N ALA A 154 2.71 42.94 -31.09
CA ALA A 154 2.65 44.18 -30.34
C ALA A 154 1.28 44.83 -30.47
N GLY A 155 0.79 45.35 -29.36
CA GLY A 155 -0.53 45.91 -29.34
C GLY A 155 -1.66 44.91 -29.32
N CYS A 156 -1.37 43.60 -29.39
CA CYS A 156 -2.47 42.64 -29.26
C CYS A 156 -3.19 42.93 -27.95
N GLN A 157 -4.50 42.91 -27.97
CA GLN A 157 -5.16 43.09 -26.68
C GLN A 157 -6.14 41.95 -26.38
N ALA A 158 -5.84 40.78 -26.91
CA ALA A 158 -6.45 39.58 -26.39
C ALA A 158 -6.04 39.39 -24.93
N THR A 159 -7.01 39.14 -24.09
CA THR A 159 -6.75 38.65 -22.74
C THR A 159 -6.32 37.19 -22.80
N VAL A 160 -5.31 36.85 -21.99
CA VAL A 160 -4.85 35.47 -21.92
C VAL A 160 -5.33 34.84 -20.62
N LEU A 161 -6.02 33.72 -20.72
CA LEU A 161 -6.53 33.02 -19.55
C LEU A 161 -5.79 31.73 -19.32
N SER A 162 -5.45 31.47 -18.04
CA SER A 162 -4.77 30.26 -17.62
C SER A 162 -5.72 29.45 -16.74
N LEU A 163 -6.18 28.34 -17.27
CA LEU A 163 -6.79 27.29 -16.47
C LEU A 163 -5.70 26.42 -15.84
N SER A 164 -5.90 26.03 -14.58
CA SER A 164 -4.86 25.41 -13.78
C SER A 164 -4.47 24.05 -14.34
N SER A 165 -5.45 23.19 -14.58
CA SER A 165 -5.28 21.93 -15.27
C SER A 165 -6.48 21.69 -16.17
N TYR A 166 -6.35 20.77 -17.08
CA TYR A 166 -7.53 20.24 -17.77
C TYR A 166 -8.42 19.58 -16.73
N TYR A 167 -9.71 19.79 -16.85
CA TYR A 167 -10.63 19.48 -15.78
C TYR A 167 -11.17 18.05 -15.82
N ALA A 168 -10.61 17.18 -16.66
CA ALA A 168 -11.18 15.85 -16.80
C ALA A 168 -10.08 14.86 -17.17
N ALA A 169 -10.47 13.62 -17.45
CA ALA A 169 -9.56 12.63 -18.00
C ALA A 169 -10.26 12.06 -19.23
N THR A 170 -9.75 12.42 -20.41
CA THR A 170 -10.43 12.13 -21.67
C THR A 170 -9.40 11.56 -22.63
N LYS A 171 -9.86 10.61 -23.45
CA LYS A 171 -9.05 9.92 -24.44
C LYS A 171 -9.86 9.70 -25.71
N VAL A 172 -9.20 9.80 -26.86
CA VAL A 172 -9.79 9.36 -28.12
C VAL A 172 -9.69 7.85 -28.15
N ILE A 173 -10.82 7.17 -28.18
CA ILE A 173 -10.84 5.72 -28.03
C ILE A 173 -10.04 5.07 -29.15
N ASP A 174 -10.40 5.40 -30.38
CA ASP A 174 -9.95 4.71 -31.58
C ASP A 174 -9.57 5.80 -32.57
N GLU A 175 -8.27 5.91 -32.88
CA GLU A 175 -7.80 6.96 -33.78
C GLU A 175 -8.46 6.89 -35.14
N THR A 176 -9.10 5.75 -35.45
CA THR A 176 -9.87 5.56 -36.67
C THR A 176 -11.19 6.31 -36.64
N GLN A 177 -11.64 6.70 -35.44
CA GLN A 177 -12.81 7.55 -35.26
C GLN A 177 -12.35 8.78 -34.48
N PRO A 178 -11.61 9.66 -35.14
CA PRO A 178 -10.84 10.68 -34.42
C PRO A 178 -11.70 11.65 -33.65
N LEU A 179 -13.00 11.71 -33.95
CA LEU A 179 -13.91 12.64 -33.30
C LEU A 179 -14.71 12.05 -32.14
N ARG A 180 -14.42 10.81 -31.70
CA ARG A 180 -15.13 10.22 -30.58
C ARG A 180 -14.19 10.11 -29.40
N ALA A 181 -14.55 10.74 -28.30
CA ALA A 181 -13.71 10.69 -27.12
C ALA A 181 -14.49 10.13 -25.94
N LEU A 182 -13.75 9.64 -24.95
CA LEU A 182 -14.34 9.10 -23.74
C LEU A 182 -13.76 9.79 -22.52
N THR A 183 -14.60 10.39 -21.70
CA THR A 183 -14.17 10.99 -20.46
C THR A 183 -14.47 9.99 -19.34
N LYS A 184 -13.42 9.55 -18.65
CA LYS A 184 -13.45 8.57 -17.58
C LYS A 184 -13.47 9.20 -16.20
N ALA A 185 -13.16 10.50 -16.09
CA ALA A 185 -13.14 11.13 -14.77
C ALA A 185 -13.16 12.64 -14.93
N VAL A 186 -13.63 13.30 -13.89
CA VAL A 186 -13.86 14.74 -13.89
C VAL A 186 -13.36 15.29 -12.57
N LYS A 187 -12.62 16.38 -12.62
CA LYS A 187 -12.07 16.91 -11.38
C LYS A 187 -13.18 17.59 -10.58
N ARG A 188 -13.02 17.62 -9.27
CA ARG A 188 -14.00 18.34 -8.47
C ARG A 188 -13.86 19.85 -8.71
N ARG A 189 -12.63 20.32 -8.89
CA ARG A 189 -12.40 21.76 -8.96
C ARG A 189 -11.07 22.07 -9.66
N VAL A 190 -11.08 23.20 -10.41
CA VAL A 190 -9.88 23.78 -11.03
C VAL A 190 -9.90 25.29 -10.81
N TYR A 191 -8.83 25.96 -11.24
CA TYR A 191 -8.64 27.38 -10.96
C TYR A 191 -8.34 28.14 -12.24
N LEU A 192 -8.73 29.41 -12.27
CA LEU A 192 -8.66 30.19 -13.50
C LEU A 192 -8.18 31.59 -13.23
N GLY A 193 -7.03 31.95 -13.81
CA GLY A 193 -6.53 33.30 -13.75
C GLY A 193 -6.52 33.94 -15.14
N SER A 194 -6.33 35.24 -15.14
CA SER A 194 -6.40 36.03 -16.33
C SER A 194 -5.36 37.11 -16.35
N SER A 195 -4.78 37.37 -17.55
CA SER A 195 -3.82 38.46 -17.69
C SER A 195 -4.48 39.81 -17.49
N ARG A 196 -5.78 39.87 -17.52
CA ARG A 196 -6.41 41.14 -17.24
C ARG A 196 -7.07 41.08 -15.87
N PRO A 197 -6.78 42.04 -14.98
CA PRO A 197 -7.40 42.05 -13.65
C PRO A 197 -8.91 42.07 -13.68
N ASP A 198 -9.49 41.49 -12.63
CA ASP A 198 -10.94 41.42 -12.47
C ASP A 198 -11.60 41.10 -13.80
N CYS A 199 -11.14 40.02 -14.41
CA CYS A 199 -11.52 39.73 -15.80
C CYS A 199 -12.92 39.13 -15.85
N PRO A 200 -13.82 39.70 -16.66
CA PRO A 200 -15.18 39.17 -16.76
C PRO A 200 -15.26 37.82 -17.44
N ALA A 201 -14.25 37.50 -18.25
CA ALA A 201 -14.25 36.23 -18.97
C ALA A 201 -14.14 35.05 -18.03
N ARG A 202 -13.56 35.24 -16.83
CA ARG A 202 -13.43 34.10 -15.92
C ARG A 202 -14.81 33.55 -15.60
N GLU A 203 -15.80 34.44 -15.43
CA GLU A 203 -17.14 34.02 -15.03
C GLU A 203 -17.81 33.23 -16.15
N THR A 204 -17.60 33.65 -17.39
CA THR A 204 -18.12 32.89 -18.52
C THR A 204 -17.57 31.46 -18.50
N TRP A 205 -16.26 31.32 -18.33
CA TRP A 205 -15.67 29.98 -18.30
C TRP A 205 -16.12 29.21 -17.07
N ARG A 206 -16.36 29.90 -15.95
CA ARG A 206 -16.90 29.19 -14.80
C ARG A 206 -18.19 28.47 -15.19
N ARG A 207 -19.07 29.21 -15.87
CA ARG A 207 -20.34 28.67 -16.34
C ARG A 207 -20.12 27.54 -17.34
N VAL A 208 -19.29 27.79 -18.35
CA VAL A 208 -19.06 26.76 -19.36
C VAL A 208 -18.67 25.44 -18.72
N LEU A 209 -17.68 25.46 -17.84
CA LEU A 209 -17.22 24.20 -17.24
C LEU A 209 -18.19 23.68 -16.19
N ALA A 210 -18.95 24.55 -15.54
CA ALA A 210 -19.93 24.03 -14.59
C ALA A 210 -20.82 23.02 -15.26
N GLY A 211 -21.13 23.22 -16.54
CA GLY A 211 -21.98 22.30 -17.28
C GLY A 211 -21.58 20.84 -17.18
N SER A 212 -20.31 20.55 -16.98
CA SER A 212 -19.89 19.15 -16.84
C SER A 212 -19.55 18.79 -15.40
N GLY A 213 -19.91 19.66 -14.44
CA GLY A 213 -19.84 19.31 -13.04
C GLY A 213 -18.65 19.81 -12.31
N VAL A 214 -17.85 20.65 -12.96
CA VAL A 214 -16.57 21.07 -12.41
C VAL A 214 -16.75 22.44 -11.81
N GLU A 215 -16.13 22.64 -10.63
CA GLU A 215 -16.13 23.97 -10.04
C GLU A 215 -14.88 24.68 -10.48
N VAL A 216 -15.05 25.88 -11.06
CA VAL A 216 -13.95 26.72 -11.50
C VAL A 216 -13.77 27.84 -10.49
N VAL A 217 -12.60 27.92 -9.87
CA VAL A 217 -12.33 28.92 -8.84
C VAL A 217 -11.49 30.03 -9.49
N PRO A 218 -12.00 31.25 -9.59
CA PRO A 218 -11.23 32.36 -10.13
C PRO A 218 -10.22 32.87 -9.12
N LEU A 219 -9.01 33.14 -9.58
CA LEU A 219 -7.92 33.62 -8.73
C LEU A 219 -7.41 34.92 -9.33
N ALA A 220 -6.77 35.75 -8.52
CA ALA A 220 -6.47 37.12 -8.94
C ALA A 220 -5.35 37.25 -9.99
N THR A 221 -4.66 36.16 -10.35
CA THR A 221 -3.39 36.19 -11.07
C THR A 221 -3.37 34.94 -11.94
N PRO A 222 -2.74 35.01 -13.13
CA PRO A 222 -2.60 33.74 -13.86
C PRO A 222 -1.66 32.76 -13.15
N GLU A 223 -0.59 33.27 -12.56
CA GLU A 223 0.38 32.37 -11.90
C GLU A 223 -0.24 31.64 -10.71
N ALA A 224 -1.17 32.29 -9.99
CA ALA A 224 -1.85 31.60 -8.88
C ALA A 224 -2.61 30.37 -9.37
N ALA A 225 -3.26 30.50 -10.53
CA ALA A 225 -3.92 29.36 -11.17
C ALA A 225 -2.89 28.37 -11.71
N GLU A 226 -1.83 28.87 -12.33
CA GLU A 226 -0.82 27.98 -12.91
C GLU A 226 -0.12 27.19 -11.83
N GLY A 227 0.03 27.76 -10.65
CA GLY A 227 0.59 27.02 -9.52
C GLY A 227 -0.29 25.92 -8.97
N ARG A 228 -1.49 25.76 -9.47
CA ARG A 228 -2.38 24.67 -9.09
C ARG A 228 -2.55 23.66 -10.24
N ASN A 229 -1.54 23.59 -11.11
CA ASN A 229 -1.47 22.57 -12.16
C ASN A 229 -1.03 21.25 -11.54
N VAL A 230 -1.94 20.28 -11.46
CA VAL A 230 -1.68 19.07 -10.69
C VAL A 230 -0.54 18.25 -11.27
N THR A 231 -0.35 18.24 -12.61
CA THR A 231 0.63 17.32 -13.17
C THR A 231 2.06 17.77 -12.82
N THR A 232 2.29 19.07 -12.69
CA THR A 232 3.63 19.54 -12.30
C THR A 232 4.05 18.95 -10.95
N TYR A 233 3.09 18.81 -10.03
CA TYR A 233 3.43 18.35 -8.70
C TYR A 233 3.55 16.83 -8.63
N VAL A 234 2.79 16.12 -9.46
CA VAL A 234 2.72 14.65 -9.38
C VAL A 234 3.61 13.99 -10.43
N HIS A 235 3.54 14.43 -11.69
CA HIS A 235 4.33 13.77 -12.73
C HIS A 235 5.81 13.99 -12.52
N SER A 236 6.19 15.17 -12.04
CA SER A 236 7.62 15.48 -11.92
C SER A 236 8.33 14.50 -11.00
N PRO A 237 7.93 14.34 -9.73
CA PRO A 237 8.65 13.39 -8.87
C PRO A 237 8.43 11.95 -9.28
N PHE A 238 7.26 11.60 -9.79
CA PHE A 238 7.01 10.20 -10.01
C PHE A 238 7.58 9.72 -11.35
N PHE A 239 7.42 10.50 -12.43
CA PHE A 239 7.69 9.99 -13.77
C PHE A 239 8.98 10.51 -14.36
N LEU A 240 9.75 11.31 -13.63
CA LEU A 240 11.06 11.71 -14.04
C LEU A 240 12.15 10.95 -13.33
N GLY A 241 11.77 9.96 -12.53
CA GLY A 241 12.73 9.19 -11.79
C GLY A 241 13.14 7.94 -12.55
N GLU A 242 14.04 7.20 -11.90
CA GLU A 242 14.71 6.05 -12.49
C GLU A 242 13.72 4.97 -12.86
N PHE A 243 12.89 4.56 -11.90
CA PHE A 243 11.96 3.48 -12.19
C PHE A 243 11.11 3.83 -13.42
N ALA A 244 10.50 5.01 -13.42
CA ALA A 244 9.57 5.36 -14.50
C ALA A 244 10.28 5.38 -15.84
N LEU A 245 11.41 6.06 -15.94
CA LEU A 245 12.13 6.14 -17.22
C LEU A 245 12.56 4.77 -17.71
N ALA A 246 12.91 3.84 -16.80
CA ALA A 246 13.30 2.53 -17.22
C ALA A 246 12.15 1.80 -17.87
N ARG A 247 10.94 1.95 -17.33
CA ARG A 247 9.78 1.37 -17.98
C ARG A 247 9.51 2.05 -19.31
N ILE A 248 9.51 3.38 -19.30
CA ILE A 248 9.20 4.17 -20.48
C ILE A 248 10.20 3.91 -21.62
N LEU A 249 11.49 3.84 -21.30
CA LEU A 249 12.50 3.67 -22.34
C LEU A 249 12.72 2.21 -22.73
N SER A 250 11.87 1.30 -22.27
CA SER A 250 12.02 -0.13 -22.52
C SER A 250 11.10 -0.55 -23.66
N GLU A 251 11.50 -1.58 -24.38
CA GLU A 251 10.64 -2.18 -25.37
C GLU A 251 10.27 -3.60 -25.06
N GLN A 252 11.03 -4.27 -24.20
CA GLN A 252 10.74 -5.64 -23.81
C GLN A 252 10.30 -5.64 -22.35
N GLY A 253 9.44 -6.60 -22.02
CA GLY A 253 8.95 -6.71 -20.67
C GLY A 253 7.68 -5.92 -20.50
N PRO A 254 7.09 -6.03 -19.32
CA PRO A 254 5.82 -5.35 -19.05
C PRO A 254 6.03 -3.88 -18.77
N PRO A 255 5.09 -3.04 -19.18
CA PRO A 255 5.27 -1.60 -18.99
C PRO A 255 5.26 -1.16 -17.54
N GLY A 256 4.83 -1.99 -16.61
CA GLY A 256 4.60 -1.51 -15.26
C GLY A 256 3.39 -0.57 -15.17
N PHE A 257 3.19 -0.07 -13.97
CA PHE A 257 2.01 0.71 -13.63
C PHE A 257 2.43 2.02 -13.00
N MET A 258 1.72 3.07 -13.39
CA MET A 258 2.16 4.44 -13.12
C MET A 258 1.94 4.83 -11.68
N TYR A 259 0.90 4.30 -11.00
CA TYR A 259 0.56 4.71 -9.64
C TYR A 259 0.67 3.57 -8.62
N LYS A 260 1.36 2.51 -8.96
CA LYS A 260 1.58 1.44 -7.99
C LYS A 260 2.90 1.65 -7.25
N LEU A 261 3.06 0.94 -6.16
CA LEU A 261 4.27 0.96 -5.38
C LEU A 261 5.37 0.12 -6.03
N TYR A 262 6.62 0.45 -5.72
CA TYR A 262 7.74 -0.40 -6.14
C TYR A 262 7.48 -1.80 -5.62
N PRO A 263 7.73 -2.88 -6.41
CA PRO A 263 8.33 -2.91 -7.74
C PRO A 263 7.35 -2.91 -8.90
N GLU A 264 6.05 -2.77 -8.65
CA GLU A 264 5.10 -2.73 -9.77
C GLU A 264 5.03 -1.35 -10.41
N GLY A 265 5.41 -0.31 -9.69
CA GLY A 265 5.32 1.06 -10.13
C GLY A 265 6.38 1.91 -9.48
N PRO A 266 6.36 3.22 -9.72
CA PRO A 266 7.48 4.09 -9.31
C PRO A 266 7.37 4.66 -7.91
N ILE A 267 6.30 4.40 -7.18
CA ILE A 267 6.07 5.09 -5.93
C ILE A 267 6.85 4.40 -4.82
N THR A 268 7.72 5.17 -4.18
CA THR A 268 8.61 4.78 -3.11
C THR A 268 8.65 5.91 -2.11
N PRO A 269 9.11 5.65 -0.88
CA PRO A 269 9.36 6.78 0.02
C PRO A 269 10.25 7.84 -0.61
N GLY A 270 11.25 7.45 -1.40
CA GLY A 270 12.10 8.48 -2.01
C GLY A 270 11.36 9.36 -3.02
N ALA A 271 10.46 8.77 -3.79
CA ALA A 271 9.65 9.56 -4.71
C ALA A 271 8.74 10.53 -3.94
N ILE A 272 8.15 10.07 -2.84
CA ILE A 272 7.34 10.92 -1.97
C ILE A 272 8.16 12.05 -1.40
N GLY A 273 9.43 11.78 -1.02
CA GLY A 273 10.31 12.84 -0.56
C GLY A 273 10.59 13.85 -1.66
N ALA A 274 10.85 13.35 -2.86
CA ALA A 274 10.99 14.25 -4.00
C ALA A 274 9.73 15.07 -4.19
N MET A 275 8.55 14.46 -4.02
CA MET A 275 7.32 15.21 -4.23
C MET A 275 7.20 16.34 -3.22
N ARG A 276 7.48 16.05 -1.95
CA ARG A 276 7.42 17.08 -0.92
C ARG A 276 8.41 18.20 -1.21
N ARG A 277 9.67 17.84 -1.52
CA ARG A 277 10.71 18.85 -1.65
C ARG A 277 10.47 19.75 -2.87
N LEU A 278 9.94 19.18 -3.95
CA LEU A 278 9.61 19.98 -5.11
C LEU A 278 8.42 20.89 -4.83
N TRP A 279 7.42 20.41 -4.09
CA TRP A 279 6.30 21.27 -3.71
C TRP A 279 6.79 22.49 -2.93
N CYS A 280 7.74 22.31 -2.02
CA CYS A 280 8.32 23.44 -1.32
C CYS A 280 9.00 24.43 -2.27
N GLU A 281 9.75 23.93 -3.26
CA GLU A 281 10.48 24.79 -4.20
C GLU A 281 9.50 25.59 -5.05
N LEU A 282 8.50 24.90 -5.61
CA LEU A 282 7.48 25.54 -6.43
C LEU A 282 6.71 26.57 -5.63
N SER A 283 6.47 26.27 -4.33
CA SER A 283 5.80 27.21 -3.45
C SER A 283 6.62 28.47 -3.27
N GLU A 284 7.94 28.33 -3.10
CA GLU A 284 8.77 29.53 -2.94
C GLU A 284 8.79 30.37 -4.22
N LEU A 285 8.84 29.72 -5.40
CA LEU A 285 8.75 30.45 -6.67
C LEU A 285 7.43 31.23 -6.77
N LEU A 286 6.31 30.57 -6.46
CA LEU A 286 5.01 31.23 -6.51
C LEU A 286 4.99 32.43 -5.59
N ARG A 287 5.57 32.32 -4.39
CA ARG A 287 5.62 33.49 -3.50
C ARG A 287 6.42 34.61 -4.13
N ARG A 288 7.52 34.29 -4.79
CA ARG A 288 8.34 35.33 -5.41
C ARG A 288 7.66 35.96 -6.61
N MET A 289 6.68 35.31 -7.22
CA MET A 289 5.88 35.90 -8.28
C MET A 289 4.55 36.45 -7.78
N GLY A 290 4.37 36.60 -6.47
CA GLY A 290 3.16 37.22 -6.00
C GLY A 290 1.94 36.31 -6.01
N ALA A 291 2.12 35.04 -5.70
CA ALA A 291 1.00 34.12 -5.72
C ALA A 291 1.05 33.24 -4.48
N GLU A 292 -0.14 32.91 -4.02
CA GLU A 292 -0.28 32.11 -2.84
C GLU A 292 -0.08 30.63 -3.16
N PRO A 293 0.83 29.94 -2.49
CA PRO A 293 1.02 28.51 -2.76
C PRO A 293 -0.19 27.73 -2.24
N LEU A 294 -0.20 26.44 -2.54
CA LEU A 294 -1.28 25.56 -2.18
C LEU A 294 -0.82 24.56 -1.13
N ASN A 295 -1.79 23.99 -0.42
CA ASN A 295 -1.63 22.84 0.48
C ASN A 295 -1.72 21.59 -0.38
N LEU A 296 -0.57 20.97 -0.64
CA LEU A 296 -0.50 19.90 -1.60
C LEU A 296 -1.46 18.78 -1.27
N LEU A 297 -1.52 18.37 0.00
CA LEU A 297 -2.35 17.23 0.35
C LEU A 297 -3.83 17.60 0.21
N ARG A 298 -4.20 18.80 0.68
CA ARG A 298 -5.60 19.18 0.54
C ARG A 298 -5.96 19.34 -0.92
N PHE A 299 -5.05 19.91 -1.72
CA PHE A 299 -5.23 19.97 -3.18
C PHE A 299 -5.45 18.60 -3.79
N LEU A 300 -4.58 17.66 -3.51
CA LEU A 300 -4.73 16.34 -4.12
C LEU A 300 -6.03 15.69 -3.67
N ASN A 301 -6.31 15.75 -2.36
CA ASN A 301 -7.47 15.05 -1.83
C ASN A 301 -8.77 15.72 -2.23
N ASP A 302 -8.84 17.04 -2.05
CA ASP A 302 -10.10 17.75 -2.19
C ASP A 302 -10.39 18.11 -3.64
N ASP A 303 -9.37 18.44 -4.44
CA ASP A 303 -9.66 18.90 -5.80
C ASP A 303 -9.55 17.82 -6.85
N ASN A 304 -8.86 16.72 -6.53
CA ASN A 304 -8.57 15.69 -7.52
C ASN A 304 -9.22 14.34 -7.19
N TYR A 305 -8.78 13.65 -6.12
CA TYR A 305 -9.48 12.42 -5.73
C TYR A 305 -9.29 12.08 -4.25
N PRO A 306 -10.39 11.89 -3.50
CA PRO A 306 -10.29 11.73 -2.05
C PRO A 306 -10.16 10.29 -1.59
N VAL A 307 -9.84 10.17 -0.30
CA VAL A 307 -9.86 8.91 0.41
C VAL A 307 -10.63 9.11 1.70
N HIS A 308 -10.80 8.01 2.44
CA HIS A 308 -11.62 8.11 3.65
C HIS A 308 -10.87 8.78 4.79
N GLU A 309 -11.65 9.31 5.73
CA GLU A 309 -11.10 9.94 6.94
C GLU A 309 -10.22 8.97 7.73
N THR A 310 -10.49 7.66 7.63
CA THR A 310 -9.66 6.71 8.37
C THR A 310 -8.24 6.69 7.88
N MET A 311 -8.07 6.92 6.59
CA MET A 311 -6.73 6.92 5.99
C MET A 311 -6.11 8.30 6.07
N LEU A 312 -6.90 9.34 5.77
CA LEU A 312 -6.45 10.72 5.90
C LEU A 312 -7.42 11.56 6.71
N PRO A 313 -7.15 11.78 7.99
CA PRO A 313 -8.07 12.59 8.80
C PRO A 313 -8.14 14.01 8.25
N ARG A 314 -9.36 14.57 8.32
CA ARG A 314 -9.59 15.95 7.88
C ARG A 314 -8.63 16.91 8.56
N ALA A 315 -8.31 16.66 9.85
CA ALA A 315 -7.41 17.56 10.55
C ALA A 315 -6.01 17.51 9.96
N SER A 316 -5.56 16.31 9.52
CA SER A 316 -4.23 16.15 8.96
C SER A 316 -4.16 16.80 7.58
N ILE A 317 -5.25 16.70 6.81
CA ILE A 317 -5.33 17.34 5.51
C ILE A 317 -5.21 18.85 5.65
N ASP A 318 -6.05 19.43 6.53
CA ASP A 318 -6.08 20.89 6.66
C ASP A 318 -4.78 21.42 7.26
N GLY A 319 -4.15 20.63 8.11
CA GLY A 319 -2.91 21.06 8.74
C GLY A 319 -1.64 20.70 8.01
N PHE A 320 -1.72 20.13 6.82
CA PHE A 320 -0.54 19.59 6.14
C PHE A 320 0.63 20.55 6.06
N ALA A 321 0.38 21.78 5.66
CA ALA A 321 1.47 22.72 5.43
C ALA A 321 2.24 23.04 6.69
N GLU A 322 1.71 22.71 7.86
CA GLU A 322 2.36 23.04 9.12
C GLU A 322 2.89 21.82 9.82
N ALA A 323 2.76 20.64 9.21
CA ALA A 323 2.98 19.40 9.92
C ALA A 323 4.42 18.97 9.99
N GLY A 324 5.35 19.59 9.30
CA GLY A 324 6.66 19.03 9.41
C GLY A 324 6.95 17.97 8.37
N ALA A 325 8.21 17.90 7.95
CA ALA A 325 8.56 17.15 6.76
C ALA A 325 8.21 15.67 6.88
N GLU A 326 8.56 15.04 8.02
CA GLU A 326 8.34 13.60 8.16
C GLU A 326 6.85 13.24 8.12
N ARG A 327 6.04 13.93 8.92
CA ARG A 327 4.59 13.80 8.82
C ARG A 327 4.09 14.09 7.40
N GLN A 328 4.57 15.16 6.78
CA GLN A 328 4.08 15.49 5.43
C GLN A 328 4.30 14.30 4.50
N GLU A 329 5.49 13.68 4.57
CA GLU A 329 5.84 12.60 3.66
C GLU A 329 5.05 11.33 3.98
N TYR A 330 4.90 11.02 5.29
CA TYR A 330 4.02 9.94 5.70
C TYR A 330 2.61 10.12 5.11
N LEU A 331 2.04 11.31 5.23
CA LEU A 331 0.68 11.51 4.73
C LEU A 331 0.59 11.36 3.21
N LEU A 332 1.53 11.95 2.47
CA LEU A 332 1.53 11.77 1.01
C LEU A 332 1.62 10.30 0.63
N PHE A 333 2.49 9.53 1.32
CA PHE A 333 2.62 8.10 1.01
C PHE A 333 1.33 7.35 1.29
N VAL A 334 0.76 7.53 2.49
CA VAL A 334 -0.56 6.96 2.82
C VAL A 334 -1.58 7.26 1.74
N ARG A 335 -1.63 8.53 1.31
CA ARG A 335 -2.61 8.94 0.30
C ARG A 335 -2.46 8.12 -0.97
N TYR A 336 -1.24 7.95 -1.46
CA TYR A 336 -1.08 7.19 -2.70
C TYR A 336 -1.28 5.70 -2.45
N ALA A 337 -0.83 5.18 -1.30
CA ALA A 337 -1.16 3.80 -0.95
C ALA A 337 -2.68 3.59 -0.81
N ALA A 338 -3.39 4.57 -0.24
CA ALA A 338 -4.84 4.42 -0.08
C ALA A 338 -5.57 4.41 -1.42
N LEU A 339 -4.94 4.94 -2.47
CA LEU A 339 -5.53 4.98 -3.79
C LEU A 339 -5.06 3.86 -4.70
N LEU A 340 -4.31 2.87 -4.18
CA LEU A 340 -3.93 1.75 -5.02
C LEU A 340 -5.17 1.07 -5.57
N VAL A 341 -6.26 1.12 -4.81
CA VAL A 341 -7.61 0.84 -5.31
C VAL A 341 -8.47 2.08 -5.08
N ASP A 342 -9.61 2.09 -5.71
CA ASP A 342 -10.59 3.16 -5.47
C ASP A 342 -11.44 2.85 -4.24
N PRO A 343 -11.17 3.45 -3.09
CA PRO A 343 -11.91 3.07 -1.86
C PRO A 343 -13.38 3.40 -1.89
N PHE A 344 -13.86 4.16 -2.86
CA PHE A 344 -15.28 4.45 -2.97
C PHE A 344 -15.95 3.65 -4.08
N SER A 345 -15.20 2.90 -4.88
CA SER A 345 -15.78 1.99 -5.84
C SER A 345 -16.57 0.92 -5.11
N PRO A 346 -17.53 0.30 -5.78
CA PRO A 346 -18.22 -0.84 -5.18
C PRO A 346 -17.27 -2.00 -4.95
N ALA A 347 -17.44 -2.66 -3.83
CA ALA A 347 -16.67 -3.86 -3.55
C ALA A 347 -17.22 -5.02 -4.37
N ASP A 348 -16.33 -5.94 -4.72
CA ASP A 348 -16.74 -7.13 -5.45
C ASP A 348 -17.23 -8.19 -4.47
N GLU A 349 -17.61 -9.34 -5.01
CA GLU A 349 -18.02 -10.46 -4.16
C GLU A 349 -16.99 -10.80 -3.11
N GLN A 350 -15.70 -10.76 -3.48
CA GLN A 350 -14.58 -11.09 -2.59
C GLN A 350 -14.18 -9.93 -1.67
N GLY A 351 -14.74 -8.74 -1.84
CA GLY A 351 -14.36 -7.61 -1.03
C GLY A 351 -13.31 -6.70 -1.64
N ARG A 352 -12.97 -6.88 -2.92
CA ARG A 352 -11.96 -6.05 -3.54
C ARG A 352 -12.59 -4.86 -4.20
N HIS A 353 -11.83 -3.78 -4.26
CA HIS A 353 -12.26 -2.58 -4.95
C HIS A 353 -11.54 -2.43 -6.29
N PHE A 354 -12.01 -1.54 -7.12
CA PHE A 354 -11.47 -1.37 -8.43
C PHE A 354 -9.99 -1.02 -8.41
N ASP A 355 -9.21 -1.56 -9.30
CA ASP A 355 -7.79 -1.32 -9.34
C ASP A 355 -7.51 -0.01 -10.03
N PHE A 356 -7.63 1.03 -9.26
CA PHE A 356 -7.48 2.35 -9.70
C PHE A 356 -6.06 2.66 -10.07
N SER A 357 -5.12 1.99 -9.48
CA SER A 357 -3.74 2.22 -9.75
C SER A 357 -3.14 1.58 -11.01
N ALA A 358 -3.83 0.71 -11.72
CA ALA A 358 -3.27 0.07 -12.84
C ALA A 358 -3.31 0.78 -14.20
N VAL A 359 -2.74 1.95 -14.30
CA VAL A 359 -2.65 2.65 -15.54
C VAL A 359 -1.28 2.25 -16.01
N PRO A 360 -1.19 1.54 -17.10
CA PRO A 360 0.11 1.11 -17.61
C PRO A 360 0.90 2.31 -18.11
N PHE A 361 2.18 2.20 -18.09
CA PHE A 361 3.03 3.21 -18.63
C PHE A 361 3.00 3.15 -20.17
N ARG A 362 2.92 4.27 -20.85
CA ARG A 362 3.07 4.25 -22.28
C ARG A 362 4.61 4.27 -22.52
N ARG A 363 5.11 3.60 -23.51
CA ARG A 363 6.54 3.58 -23.75
C ARG A 363 6.98 4.20 -25.06
N VAL A 364 8.28 4.29 -25.30
CA VAL A 364 8.78 4.81 -26.56
C VAL A 364 8.23 3.96 -27.69
N SER A 365 8.01 4.61 -28.83
CA SER A 365 7.63 3.92 -30.05
C SER A 365 8.22 4.63 -31.28
N ARG A 366 8.30 3.89 -32.37
CA ARG A 366 8.85 4.43 -33.61
C ARG A 366 7.75 5.14 -34.38
N ASP A 367 8.10 6.32 -34.88
CA ASP A 367 7.16 7.11 -35.68
C ASP A 367 7.23 6.63 -37.13
N GLU A 368 6.53 7.31 -38.05
CA GLU A 368 6.44 6.85 -39.42
C GLU A 368 7.74 7.02 -40.19
N ASP A 369 8.72 7.72 -39.62
CA ASP A 369 10.06 7.81 -40.20
C ASP A 369 11.03 6.83 -39.55
N GLY A 370 10.55 5.95 -38.67
CA GLY A 370 11.46 5.04 -38.01
C GLY A 370 12.21 5.60 -36.81
N LEU A 371 11.90 6.82 -36.38
CA LEU A 371 12.60 7.44 -35.26
C LEU A 371 11.86 7.20 -33.95
N TRP A 372 12.65 6.88 -32.93
CA TRP A 372 12.12 6.69 -31.59
C TRP A 372 11.55 8.00 -31.09
N ARG A 373 10.35 7.92 -30.54
CA ARG A 373 9.71 9.07 -29.91
C ARG A 373 9.26 8.72 -28.51
N LEU A 374 9.30 9.73 -27.66
CA LEU A 374 8.91 9.66 -26.26
C LEU A 374 7.41 9.93 -26.10
N PRO A 375 6.74 9.21 -25.22
CA PRO A 375 5.36 9.54 -24.92
C PRO A 375 5.26 10.88 -24.20
N ARG A 376 4.06 11.45 -24.23
CA ARG A 376 3.88 12.76 -23.61
C ARG A 376 4.20 12.73 -22.10
N VAL A 377 3.84 11.66 -21.41
CA VAL A 377 4.48 11.33 -20.12
C VAL A 377 5.70 10.48 -20.45
N PRO A 378 6.94 11.00 -20.26
CA PRO A 378 7.28 12.22 -19.55
C PRO A 378 7.81 13.38 -20.35
N LEU A 379 7.77 13.32 -21.68
CA LEU A 379 8.36 14.42 -22.44
C LEU A 379 7.71 15.76 -22.10
N GLU A 380 6.38 15.82 -22.03
CA GLU A 380 5.73 17.08 -21.69
C GLU A 380 6.11 17.53 -20.28
N ASP A 381 6.09 16.60 -19.33
CA ASP A 381 6.44 16.93 -17.95
C ASP A 381 7.87 17.43 -17.84
N TYR A 382 8.80 16.80 -18.59
CA TYR A 382 10.17 17.28 -18.57
C TYR A 382 10.25 18.71 -19.10
N ARG A 383 9.57 18.98 -20.20
CA ARG A 383 9.74 20.31 -20.80
C ARG A 383 9.12 21.39 -19.93
N LYS A 384 8.00 21.08 -19.26
CA LYS A 384 7.40 22.09 -18.42
C LYS A 384 8.33 22.43 -17.27
N LEU A 385 8.91 21.42 -16.65
CA LEU A 385 9.77 21.62 -15.48
C LEU A 385 11.07 22.31 -15.85
N ALA A 386 11.69 21.89 -16.97
CA ALA A 386 12.91 22.57 -17.43
C ALA A 386 12.66 24.06 -17.57
N LEU A 387 11.48 24.43 -18.07
CA LEU A 387 11.21 25.86 -18.25
C LEU A 387 10.98 26.54 -16.90
N ILE A 388 10.25 25.87 -16.00
CA ILE A 388 10.03 26.45 -14.69
C ILE A 388 11.34 26.63 -13.95
N VAL A 389 12.25 25.65 -14.02
CA VAL A 389 13.57 25.80 -13.40
C VAL A 389 14.31 27.00 -14.00
N ALA A 390 14.35 27.09 -15.33
CA ALA A 390 15.06 28.21 -15.94
C ALA A 390 14.44 29.53 -15.55
N LEU A 391 13.11 29.58 -15.42
CA LEU A 391 12.46 30.81 -14.95
C LEU A 391 12.89 31.13 -13.52
N ALA A 392 12.96 30.11 -12.65
CA ALA A 392 13.24 30.36 -11.24
C ALA A 392 14.62 30.94 -11.01
N ALA A 393 15.60 30.63 -11.89
CA ALA A 393 16.91 31.25 -11.77
C ALA A 393 16.84 32.77 -11.82
N HIS A 394 15.87 33.34 -12.58
CA HIS A 394 15.71 34.79 -12.59
C HIS A 394 15.25 35.33 -11.24
N PHE A 395 14.54 34.53 -10.44
CA PHE A 395 14.23 34.91 -9.07
C PHE A 395 15.24 34.37 -8.07
N ASP A 396 16.45 34.06 -8.54
CA ASP A 396 17.56 33.62 -7.71
C ASP A 396 17.21 32.36 -6.91
N LEU A 397 16.43 31.47 -7.51
CA LEU A 397 16.01 30.23 -6.89
C LEU A 397 16.65 29.07 -7.62
N ALA A 398 17.43 28.27 -6.89
CA ALA A 398 18.19 27.18 -7.50
C ALA A 398 17.36 25.93 -7.80
N MET A 399 16.32 25.66 -7.00
CA MET A 399 15.49 24.48 -7.15
C MET A 399 16.27 23.17 -7.32
N PRO A 400 17.07 22.77 -6.32
CA PRO A 400 17.91 21.57 -6.51
C PRO A 400 17.11 20.29 -6.73
N GLN A 401 15.95 20.14 -6.09
CA GLN A 401 15.15 18.93 -6.30
C GLN A 401 14.59 18.86 -7.73
N ALA A 402 14.07 19.98 -8.24
CA ALA A 402 13.66 20.01 -9.64
C ALA A 402 14.83 19.65 -10.55
N ARG A 403 16.01 20.22 -10.29
CA ARG A 403 17.19 19.97 -11.12
C ARG A 403 17.61 18.52 -11.05
N SER A 404 17.51 17.91 -9.86
CA SER A 404 17.81 16.50 -9.72
C SER A 404 16.86 15.65 -10.56
N LEU A 405 15.59 15.99 -10.60
CA LEU A 405 14.65 15.25 -11.45
C LEU A 405 14.92 15.49 -12.93
N LEU A 406 15.33 16.70 -13.30
CA LEU A 406 15.66 16.96 -14.69
C LEU A 406 16.86 16.12 -15.14
N ALA A 407 17.91 16.07 -14.31
CA ALA A 407 19.12 15.33 -14.66
C ALA A 407 18.89 13.84 -14.70
N SER A 408 17.99 13.34 -13.84
CA SER A 408 17.58 11.93 -13.90
C SER A 408 16.97 11.60 -15.25
N TYR A 409 16.01 12.42 -15.71
CA TYR A 409 15.47 12.26 -17.06
C TYR A 409 16.57 12.38 -18.11
N GLU A 410 17.40 13.44 -18.02
CA GLU A 410 18.41 13.66 -19.04
C GLU A 410 19.38 12.48 -19.11
N ASN A 411 19.79 11.96 -17.97
CA ASN A 411 20.74 10.85 -18.00
C ASN A 411 20.09 9.60 -18.60
N ALA A 412 18.83 9.32 -18.27
CA ALA A 412 18.20 8.12 -18.78
C ALA A 412 18.03 8.19 -20.30
N VAL A 413 17.58 9.33 -20.80
CA VAL A 413 17.34 9.50 -22.22
C VAL A 413 18.66 9.46 -22.97
N SER A 414 19.70 10.09 -22.41
CA SER A 414 21.03 10.04 -23.01
C SER A 414 21.55 8.61 -23.13
N ARG A 415 21.35 7.79 -22.10
CA ARG A 415 21.78 6.41 -22.23
C ARG A 415 20.95 5.67 -23.26
N PHE A 416 19.68 6.04 -23.42
CA PHE A 416 18.86 5.41 -24.44
C PHE A 416 19.33 5.78 -25.83
N ILE A 417 19.74 7.04 -26.04
CA ILE A 417 20.32 7.39 -27.33
C ILE A 417 21.63 6.62 -27.55
N ASP A 418 22.48 6.54 -26.51
CA ASP A 418 23.73 5.78 -26.59
C ASP A 418 23.47 4.36 -27.11
N CYS A 419 22.49 3.67 -26.50
CA CYS A 419 22.23 2.27 -26.83
C CYS A 419 21.60 2.15 -28.20
N GLN A 420 20.54 2.91 -28.43
CA GLN A 420 19.81 2.91 -29.67
C GLN A 420 20.51 3.49 -30.89
N GLY A 421 21.29 4.53 -30.74
CA GLY A 421 21.92 5.17 -31.84
C GLY A 421 21.18 6.45 -32.08
N ALA A 422 21.89 7.53 -32.26
CA ALA A 422 21.32 8.81 -32.45
C ALA A 422 20.50 8.95 -33.70
N SER A 423 20.96 8.35 -34.73
CA SER A 423 20.24 8.36 -36.01
C SER A 423 18.88 7.69 -35.90
N GLN A 424 18.64 6.92 -34.84
CA GLN A 424 17.34 6.27 -34.64
C GLN A 424 16.36 7.11 -33.84
N CYS A 425 16.74 8.28 -33.39
CA CYS A 425 16.02 8.97 -32.33
C CYS A 425 15.50 10.30 -32.84
N HIS A 426 14.24 10.59 -32.58
CA HIS A 426 13.69 11.89 -32.93
C HIS A 426 14.41 12.97 -32.13
N PRO A 427 14.63 14.15 -32.73
CA PRO A 427 15.42 15.19 -32.02
C PRO A 427 14.71 15.76 -30.80
N SER A 428 13.43 15.50 -30.61
CA SER A 428 12.79 15.89 -29.37
C SER A 428 13.44 15.16 -28.20
N LEU A 429 14.09 14.03 -28.48
CA LEU A 429 14.81 13.37 -27.42
C LEU A 429 16.08 14.14 -27.03
N TYR A 430 16.53 15.11 -27.85
CA TYR A 430 17.77 15.77 -27.43
C TYR A 430 17.43 16.91 -26.48
N PRO A 431 18.41 17.39 -25.72
CA PRO A 431 18.09 18.37 -24.67
C PRO A 431 17.81 19.73 -25.29
N ILE A 432 16.82 20.41 -24.74
CA ILE A 432 16.29 21.64 -25.34
C ILE A 432 16.66 22.78 -24.40
N ASP A 433 16.92 23.96 -24.97
CA ASP A 433 17.39 25.10 -24.17
C ASP A 433 16.20 25.94 -23.74
N SER A 434 15.89 25.89 -22.45
CA SER A 434 14.76 26.63 -21.90
C SER A 434 15.10 28.08 -21.55
N ARG A 435 16.34 28.52 -21.71
CA ARG A 435 16.65 29.85 -21.22
C ARG A 435 16.11 31.02 -22.03
N PRO A 436 16.04 30.94 -23.37
CA PRO A 436 15.37 32.04 -24.09
C PRO A 436 13.92 32.24 -23.65
N ALA A 437 13.17 31.16 -23.51
CA ALA A 437 11.77 31.27 -23.12
C ALA A 437 11.65 31.81 -21.70
N ALA A 438 12.48 31.34 -20.78
CA ALA A 438 12.49 31.88 -19.43
C ALA A 438 12.79 33.36 -19.45
N ASP A 439 13.71 33.77 -20.30
CA ASP A 439 14.10 35.18 -20.35
C ASP A 439 12.98 36.03 -20.91
N ALA A 440 12.21 35.50 -21.86
CA ALA A 440 11.06 36.24 -22.37
C ALA A 440 9.97 36.30 -21.32
N ILE A 441 9.77 35.22 -20.56
CA ILE A 441 8.79 35.22 -19.48
C ILE A 441 9.14 36.29 -18.47
N TYR A 442 10.40 36.32 -18.04
CA TYR A 442 10.80 37.23 -16.97
C TYR A 442 10.69 38.68 -17.43
N ARG A 443 11.08 38.95 -18.69
CA ARG A 443 10.91 40.30 -19.24
C ARG A 443 9.45 40.70 -19.28
N GLN A 444 8.58 39.80 -19.74
CA GLN A 444 7.15 40.04 -19.72
C GLN A 444 6.65 40.36 -18.32
N TRP A 445 7.20 39.68 -17.31
CA TRP A 445 6.81 39.87 -15.93
C TRP A 445 7.22 41.24 -15.39
N CYS A 446 8.36 41.76 -15.81
CA CYS A 446 8.87 43.04 -15.35
C CYS A 446 8.35 44.27 -16.11
N SER A 447 7.60 44.11 -17.21
CA SER A 447 7.00 45.27 -17.88
C SER A 447 6.41 46.27 -16.90
N SER B 23 20.09 -38.29 24.55
CA SER B 23 19.92 -37.00 25.20
C SER B 23 18.45 -36.56 25.27
N LEU B 24 17.69 -36.93 24.24
CA LEU B 24 16.25 -36.68 24.25
C LEU B 24 15.52 -37.76 25.02
N GLY B 25 16.01 -39.00 24.93
CA GLY B 25 15.37 -40.12 25.58
C GLY B 25 14.05 -40.42 24.88
N ASN B 26 13.17 -41.02 25.64
CA ASN B 26 11.80 -41.24 25.17
C ASN B 26 11.06 -39.92 25.25
N VAL B 27 10.35 -39.63 24.16
CA VAL B 27 9.74 -38.33 23.97
C VAL B 27 8.24 -38.49 23.92
N LEU B 28 7.52 -37.79 24.80
CA LEU B 28 6.07 -37.75 24.80
C LEU B 28 5.56 -36.45 24.18
N LEU B 29 4.83 -36.56 23.08
CA LEU B 29 4.23 -35.39 22.43
C LEU B 29 2.84 -35.17 23.02
N VAL B 30 2.61 -34.01 23.62
CA VAL B 30 1.33 -33.71 24.24
C VAL B 30 0.53 -32.82 23.30
N GLY B 31 -0.52 -33.40 22.71
CA GLY B 31 -1.30 -32.75 21.68
C GLY B 31 -0.89 -33.21 20.30
N LEU B 32 -1.48 -34.32 19.85
CA LEU B 32 -1.06 -34.95 18.60
C LEU B 32 -1.82 -34.29 17.45
N GLY B 33 -1.35 -33.11 17.08
CA GLY B 33 -1.88 -32.40 15.93
C GLY B 33 -0.80 -32.11 14.88
N ALA B 34 -1.04 -31.09 14.05
CA ALA B 34 -0.12 -30.80 12.96
C ALA B 34 1.28 -30.49 13.47
N VAL B 35 1.40 -29.59 14.44
CA VAL B 35 2.73 -29.30 14.98
C VAL B 35 3.43 -30.58 15.44
N ALA B 36 2.71 -31.45 16.14
CA ALA B 36 3.35 -32.62 16.72
C ALA B 36 3.92 -33.54 15.65
N ILE B 37 3.24 -33.71 14.55
CA ILE B 37 3.69 -34.54 13.48
C ILE B 37 4.96 -34.01 12.86
N GLN B 38 5.04 -32.73 12.65
CA GLN B 38 6.27 -32.16 12.16
C GLN B 38 7.39 -32.38 13.15
N VAL B 39 7.15 -32.13 14.43
CA VAL B 39 8.15 -32.32 15.42
C VAL B 39 8.58 -33.75 15.54
N ALA B 40 7.65 -34.67 15.44
CA ALA B 40 8.02 -36.09 15.49
C ALA B 40 9.05 -36.43 14.41
N LEU B 41 8.80 -35.96 13.18
CA LEU B 41 9.72 -36.31 12.08
C LEU B 41 11.06 -35.64 12.29
N ASP B 42 11.09 -34.40 12.80
CA ASP B 42 12.36 -33.76 13.12
C ASP B 42 13.06 -34.53 14.22
N LEU B 43 12.31 -35.01 15.24
CA LEU B 43 12.92 -35.80 16.30
C LEU B 43 13.58 -37.07 15.76
N ARG B 44 12.91 -37.73 14.82
CA ARG B 44 13.41 -39.00 14.32
C ARG B 44 14.61 -38.78 13.43
N ARG B 45 14.62 -37.70 12.63
CA ARG B 45 15.82 -37.35 11.87
C ARG B 45 17.02 -37.21 12.79
N HIS B 46 16.83 -36.53 13.93
CA HIS B 46 17.97 -36.30 14.80
C HIS B 46 18.38 -37.56 15.53
N GLY B 47 17.39 -38.35 15.96
CA GLY B 47 17.66 -39.54 16.76
C GLY B 47 17.02 -39.47 18.14
N ALA B 48 15.98 -40.25 18.38
CA ALA B 48 15.31 -40.24 19.68
C ALA B 48 14.99 -41.66 20.14
N GLY B 49 14.45 -41.75 21.35
CA GLY B 49 14.03 -43.03 21.86
C GLY B 49 12.66 -43.35 21.36
N ARG B 50 11.86 -43.98 22.23
CA ARG B 50 10.46 -44.23 21.93
C ARG B 50 9.69 -42.93 21.82
N LEU B 51 8.64 -42.96 21.00
CA LEU B 51 7.81 -41.79 20.71
C LEU B 51 6.37 -42.05 21.13
N GLY B 52 5.90 -41.30 22.12
CA GLY B 52 4.55 -41.45 22.63
C GLY B 52 3.75 -40.19 22.40
N ALA B 53 2.42 -40.29 22.54
CA ALA B 53 1.59 -39.12 22.33
C ALA B 53 0.40 -39.20 23.29
N LEU B 54 -0.02 -38.02 23.73
CA LEU B 54 -1.12 -37.81 24.64
C LEU B 54 -2.01 -36.77 23.99
N ASN B 55 -3.17 -37.21 23.48
CA ASN B 55 -4.20 -36.32 22.96
C ASN B 55 -5.47 -36.52 23.79
N HIS B 56 -6.01 -35.45 24.36
CA HIS B 56 -7.17 -35.57 25.25
C HIS B 56 -8.39 -36.10 24.47
N PRO B 57 -9.36 -36.67 25.18
CA PRO B 57 -10.49 -37.32 24.50
C PRO B 57 -11.30 -36.36 23.65
N GLY B 58 -11.96 -36.95 22.67
CA GLY B 58 -12.61 -36.18 21.60
C GLY B 58 -12.67 -36.99 20.32
N ARG B 59 -13.42 -36.40 19.36
CA ARG B 59 -13.57 -37.03 18.04
C ARG B 59 -12.22 -37.25 17.37
N ARG B 60 -11.28 -36.30 17.46
CA ARG B 60 -9.98 -36.46 16.85
C ARG B 60 -9.26 -37.63 17.49
N SER B 61 -9.29 -37.79 18.82
CA SER B 61 -8.55 -38.90 19.42
C SER B 61 -9.16 -40.24 18.99
N GLN B 62 -10.51 -40.23 18.89
CA GLN B 62 -11.18 -41.44 18.37
C GLN B 62 -10.71 -41.86 16.97
N ARG B 63 -10.65 -40.91 16.04
CA ARG B 63 -10.14 -41.21 14.70
C ARG B 63 -8.67 -41.61 14.73
N ILE B 64 -7.87 -40.96 15.59
CA ILE B 64 -6.46 -41.35 15.69
C ILE B 64 -6.37 -42.81 16.09
N ALA B 65 -7.11 -43.17 17.15
CA ALA B 65 -7.06 -44.53 17.67
C ALA B 65 -7.46 -45.53 16.61
N GLU B 66 -8.52 -45.25 15.85
CA GLU B 66 -8.90 -46.15 14.78
C GLU B 66 -7.82 -46.21 13.71
N ALA B 67 -7.30 -45.04 13.32
CA ALA B 67 -6.24 -45.03 12.32
C ALA B 67 -5.05 -45.85 12.82
N LEU B 68 -4.70 -45.71 14.11
CA LEU B 68 -3.58 -46.48 14.63
C LEU B 68 -3.89 -47.97 14.65
N ALA B 69 -5.13 -48.32 15.01
CA ALA B 69 -5.54 -49.71 14.97
C ALA B 69 -5.47 -50.28 13.56
N ARG B 70 -5.77 -49.45 12.53
CA ARG B 70 -5.70 -49.84 11.13
C ARG B 70 -4.28 -49.80 10.55
N GLY B 71 -3.26 -49.53 11.37
CA GLY B 71 -1.89 -49.53 10.90
C GLY B 71 -1.27 -48.18 10.57
N ALA B 72 -1.89 -47.06 10.92
CA ALA B 72 -1.37 -45.77 10.50
C ALA B 72 -0.09 -45.37 11.25
N CYS B 73 0.73 -44.57 10.53
CA CYS B 73 1.97 -43.97 11.02
C CYS B 73 1.73 -42.45 11.06
N LEU B 74 2.60 -41.73 11.76
CA LEU B 74 2.68 -40.29 11.55
C LEU B 74 3.28 -40.02 10.18
N GLN B 75 2.62 -39.23 9.35
CA GLN B 75 3.06 -38.98 7.98
C GLN B 75 3.23 -37.50 7.74
N LEU B 76 4.44 -37.09 7.39
CA LEU B 76 4.74 -35.70 7.08
C LEU B 76 4.94 -35.57 5.58
N GLU B 77 4.31 -34.59 4.98
CA GLU B 77 4.61 -34.27 3.59
C GLU B 77 5.05 -32.83 3.51
N GLY B 78 6.17 -32.61 2.82
CA GLY B 78 6.67 -31.28 2.53
C GLY B 78 6.22 -30.86 1.14
N GLN B 79 5.68 -29.64 1.07
CA GLN B 79 5.09 -29.12 -0.16
C GLN B 79 6.14 -28.40 -0.99
N GLY B 80 6.32 -28.84 -2.23
CA GLY B 80 7.18 -28.12 -3.17
C GLY B 80 8.63 -28.10 -2.73
N GLN B 81 9.14 -26.88 -2.46
CA GLN B 81 10.50 -26.66 -1.98
C GLN B 81 10.84 -27.64 -0.87
N HIS B 82 9.87 -27.90 0.01
CA HIS B 82 10.06 -28.66 1.24
C HIS B 82 9.81 -30.15 1.10
N ARG B 83 9.66 -30.65 -0.13
CA ARG B 83 9.36 -32.06 -0.34
C ARG B 83 10.34 -32.97 0.40
N TRP B 84 11.55 -32.47 0.66
CA TRP B 84 12.58 -33.25 1.33
C TRP B 84 12.30 -33.49 2.82
N LEU B 85 11.40 -32.69 3.41
CA LEU B 85 10.96 -32.88 4.79
C LEU B 85 10.10 -34.13 4.99
N SER B 86 9.56 -34.68 3.91
CA SER B 86 8.54 -35.71 4.04
C SER B 86 9.16 -37.00 4.55
N GLY B 87 8.40 -37.68 5.41
CA GLY B 87 8.80 -38.96 5.94
C GLY B 87 7.65 -39.48 6.76
N ASN B 88 7.81 -40.72 7.22
CA ASN B 88 6.88 -41.37 8.12
C ASN B 88 7.60 -41.68 9.41
N ALA B 89 6.83 -41.76 10.49
CA ALA B 89 7.36 -42.16 11.79
C ALA B 89 6.29 -42.91 12.54
N ALA B 90 6.70 -43.97 13.22
CA ALA B 90 5.76 -44.77 13.98
C ALA B 90 5.51 -44.15 15.33
N LEU B 91 4.28 -44.25 15.80
CA LEU B 91 3.92 -43.89 17.16
C LEU B 91 3.94 -45.16 17.98
N ASP B 92 4.81 -45.20 19.00
CA ASP B 92 4.95 -46.38 19.86
C ASP B 92 3.89 -46.47 20.96
N VAL B 93 3.30 -45.35 21.35
CA VAL B 93 2.34 -45.32 22.44
C VAL B 93 1.37 -44.19 22.14
N PHE B 94 0.07 -44.41 22.42
CA PHE B 94 -0.93 -43.35 22.36
C PHE B 94 -1.83 -43.39 23.60
N HIS B 95 -1.86 -42.29 24.34
CA HIS B 95 -2.75 -42.12 25.46
C HIS B 95 -3.74 -40.99 25.21
N GLN B 96 -4.89 -41.08 25.85
CA GLN B 96 -5.79 -39.94 25.99
C GLN B 96 -5.92 -39.49 27.43
N ASP B 97 -5.61 -40.35 28.38
CA ASP B 97 -5.84 -40.06 29.78
C ASP B 97 -4.50 -39.79 30.47
N PRO B 98 -4.25 -38.58 30.93
CA PRO B 98 -2.97 -38.34 31.60
C PRO B 98 -2.63 -39.32 32.71
N ALA B 99 -3.64 -39.78 33.47
CA ALA B 99 -3.38 -40.67 34.60
C ALA B 99 -2.82 -42.02 34.17
N GLU B 100 -3.04 -42.42 32.91
CA GLU B 100 -2.45 -43.67 32.43
C GLU B 100 -0.98 -43.54 32.06
N LEU B 101 -0.39 -42.34 32.10
CA LEU B 101 1.04 -42.22 31.75
C LEU B 101 1.93 -42.99 32.72
N ARG B 102 2.81 -43.82 32.18
CA ARG B 102 3.82 -44.51 32.95
C ARG B 102 5.02 -43.58 33.06
N ASP B 103 5.90 -43.80 34.00
CA ASP B 103 7.05 -42.93 34.12
C ASP B 103 8.22 -43.37 33.20
N ASP B 104 8.03 -43.35 31.89
CA ASP B 104 9.02 -43.79 30.97
C ASP B 104 9.34 -42.68 29.98
N TRP B 105 9.26 -41.44 30.41
CA TRP B 105 9.37 -40.31 29.48
C TRP B 105 10.42 -39.33 29.98
N GLN B 106 11.42 -39.07 29.16
CA GLN B 106 12.45 -38.11 29.50
C GLN B 106 12.13 -36.72 28.98
N THR B 107 11.44 -36.64 27.85
CA THR B 107 11.15 -35.36 27.23
C THR B 107 9.67 -35.25 26.93
N LEU B 108 9.06 -34.15 27.35
CA LEU B 108 7.72 -33.77 26.92
C LEU B 108 7.72 -32.56 25.97
N VAL B 109 6.94 -32.64 24.90
CA VAL B 109 6.80 -31.55 23.95
C VAL B 109 5.35 -31.09 23.90
N LEU B 110 5.08 -29.87 24.36
CA LEU B 110 3.72 -29.37 24.39
C LEU B 110 3.40 -28.73 23.04
N CYS B 111 2.64 -29.46 22.23
CA CYS B 111 2.16 -29.05 20.94
C CYS B 111 0.65 -28.82 20.93
N VAL B 112 0.08 -28.40 22.06
CA VAL B 112 -1.32 -28.01 22.20
C VAL B 112 -1.38 -26.49 22.05
N PRO B 113 -2.56 -25.88 21.83
CA PRO B 113 -2.63 -24.41 21.84
C PRO B 113 -2.06 -23.87 23.14
N ALA B 114 -1.39 -22.73 23.05
CA ALA B 114 -0.76 -22.19 24.25
C ALA B 114 -1.77 -21.86 25.34
N ASP B 115 -3.05 -21.64 24.98
CA ASP B 115 -4.00 -21.32 26.03
C ASP B 115 -4.26 -22.51 26.94
N SER B 116 -3.91 -23.72 26.50
CA SER B 116 -4.05 -24.95 27.27
C SER B 116 -2.79 -25.38 28.02
N TYR B 117 -1.71 -24.58 28.05
CA TYR B 117 -0.48 -25.03 28.70
C TYR B 117 -0.70 -25.25 30.20
N LEU B 118 -1.35 -24.29 30.86
CA LEU B 118 -1.62 -24.46 32.28
C LEU B 118 -2.47 -25.73 32.53
N ASP B 119 -3.61 -25.84 31.83
CA ASP B 119 -4.48 -27.01 31.95
C ASP B 119 -3.67 -28.29 31.80
N VAL B 120 -2.85 -28.38 30.74
CA VAL B 120 -2.13 -29.61 30.48
C VAL B 120 -1.21 -29.94 31.65
N VAL B 121 -0.47 -28.94 32.13
CA VAL B 121 0.53 -29.21 33.16
C VAL B 121 -0.17 -29.55 34.47
N ARG B 122 -1.27 -28.86 34.77
CA ARG B 122 -2.04 -29.20 35.98
C ARG B 122 -2.62 -30.60 35.89
N GLY B 123 -2.96 -31.08 34.68
CA GLY B 123 -3.53 -32.40 34.55
C GLY B 123 -2.54 -33.56 34.63
N LEU B 124 -1.25 -33.29 34.53
CA LEU B 124 -0.29 -34.39 34.46
C LEU B 124 0.03 -34.93 35.85
N PRO B 125 0.15 -36.24 36.02
CA PRO B 125 0.51 -36.77 37.35
C PRO B 125 2.00 -36.66 37.66
N TRP B 126 2.47 -35.40 37.81
CA TRP B 126 3.90 -35.13 37.95
C TRP B 126 4.55 -35.89 39.11
N GLU B 127 3.81 -36.16 40.18
CA GLU B 127 4.42 -36.87 41.30
C GLU B 127 4.90 -38.27 40.92
N ARG B 128 4.39 -38.84 39.82
CA ARG B 128 4.93 -40.07 39.28
C ARG B 128 5.51 -39.89 37.87
N LEU B 129 6.03 -38.70 37.58
CA LEU B 129 6.69 -38.42 36.30
C LEU B 129 8.10 -37.88 36.58
N GLY B 130 8.72 -38.43 37.63
CA GLY B 130 10.01 -37.96 38.06
C GLY B 130 11.11 -38.18 37.05
N GLY B 131 10.89 -39.05 36.07
CA GLY B 131 11.84 -39.19 34.97
C GLY B 131 11.84 -38.07 33.93
N VAL B 132 10.89 -37.13 33.99
CA VAL B 132 10.86 -36.08 32.97
C VAL B 132 11.99 -35.10 33.26
N ARG B 133 12.86 -34.88 32.26
CA ARG B 133 13.94 -33.90 32.43
C ARG B 133 13.69 -32.61 31.67
N THR B 134 12.97 -32.68 30.54
CA THR B 134 12.78 -31.52 29.67
C THR B 134 11.31 -31.39 29.31
N LEU B 135 10.81 -30.17 29.37
CA LEU B 135 9.50 -29.82 28.88
C LEU B 135 9.66 -28.67 27.90
N LEU B 136 9.25 -28.87 26.65
CA LEU B 136 9.42 -27.84 25.62
C LEU B 136 8.06 -27.25 25.26
N LEU B 137 7.93 -25.93 25.42
CA LEU B 137 6.76 -25.19 24.99
C LEU B 137 7.00 -24.67 23.57
N VAL B 138 6.23 -25.20 22.62
CA VAL B 138 6.51 -24.91 21.23
C VAL B 138 6.05 -23.51 20.78
N SER B 139 4.95 -22.98 21.33
CA SER B 139 4.48 -21.64 20.98
C SER B 139 4.24 -20.87 22.26
N ALA B 140 5.33 -20.46 22.88
CA ALA B 140 5.31 -19.86 24.19
C ALA B 140 5.02 -18.36 24.09
N PHE B 141 4.07 -17.92 24.90
CA PHE B 141 3.77 -16.51 25.09
C PHE B 141 4.57 -15.96 26.27
N ILE B 142 4.55 -14.64 26.41
CA ILE B 142 5.29 -14.01 27.49
C ILE B 142 4.75 -14.50 28.82
N GLY B 143 5.62 -15.10 29.62
CA GLY B 143 5.23 -15.64 30.90
C GLY B 143 4.94 -17.12 30.91
N ALA B 144 4.91 -17.78 29.75
CA ALA B 144 4.51 -19.18 29.69
C ALA B 144 5.46 -20.08 30.46
N ASN B 145 6.77 -19.86 30.35
CA ASN B 145 7.73 -20.66 31.09
C ASN B 145 7.42 -20.61 32.58
N LEU B 146 7.29 -19.40 33.10
CA LEU B 146 7.06 -19.20 34.53
C LEU B 146 5.71 -19.78 34.96
N LEU B 147 4.70 -19.69 34.09
CA LEU B 147 3.38 -20.22 34.43
C LEU B 147 3.45 -21.74 34.54
N VAL B 148 4.12 -22.37 33.58
CA VAL B 148 4.26 -23.82 33.58
C VAL B 148 5.01 -24.26 34.84
N ARG B 149 6.15 -23.62 35.12
CA ARG B 149 6.87 -23.94 36.36
C ARG B 149 6.01 -23.69 37.59
N SER B 150 5.12 -22.70 37.54
CA SER B 150 4.20 -22.47 38.65
C SER B 150 3.49 -23.74 39.07
N ALA B 151 3.15 -24.57 38.09
CA ALA B 151 2.28 -25.72 38.31
C ALA B 151 3.04 -26.99 38.59
N LEU B 152 4.35 -26.94 38.56
CA LEU B 152 5.11 -28.15 38.84
C LEU B 152 5.21 -28.34 40.35
N PRO B 153 5.27 -29.60 40.81
CA PRO B 153 5.42 -29.84 42.25
C PRO B 153 6.80 -29.43 42.71
N ALA B 154 6.89 -29.00 43.96
CA ALA B 154 8.16 -28.54 44.49
C ALA B 154 9.19 -29.66 44.36
N GLY B 155 10.41 -29.29 44.03
CA GLY B 155 11.45 -30.28 43.81
C GLY B 155 11.48 -30.86 42.42
N CYS B 156 10.41 -30.73 41.63
CA CYS B 156 10.45 -31.16 40.24
C CYS B 156 11.72 -30.59 39.63
N GLN B 157 12.49 -31.41 38.95
CA GLN B 157 13.77 -30.94 38.42
C GLN B 157 13.75 -30.79 36.90
N ALA B 158 12.57 -30.85 36.28
CA ALA B 158 12.48 -30.73 34.83
C ALA B 158 12.79 -29.30 34.40
N THR B 159 13.60 -29.19 33.34
CA THR B 159 13.86 -27.90 32.72
C THR B 159 12.74 -27.51 31.79
N VAL B 160 12.29 -26.27 31.85
CA VAL B 160 11.26 -25.79 30.95
C VAL B 160 11.93 -24.96 29.87
N LEU B 161 11.74 -25.37 28.62
CA LEU B 161 12.24 -24.64 27.45
C LEU B 161 11.12 -23.90 26.74
N SER B 162 11.39 -22.66 26.32
CA SER B 162 10.44 -21.84 25.60
C SER B 162 10.92 -21.54 24.19
N LEU B 163 10.20 -22.00 23.19
CA LEU B 163 10.38 -21.60 21.81
C LEU B 163 9.54 -20.36 21.50
N SER B 164 10.16 -19.43 20.76
CA SER B 164 9.49 -18.15 20.45
C SER B 164 8.20 -18.36 19.66
N SER B 165 8.17 -19.35 18.77
CA SER B 165 6.96 -19.71 18.06
C SER B 165 7.23 -20.99 17.27
N TYR B 166 6.16 -21.64 16.86
CA TYR B 166 6.31 -22.79 16.00
C TYR B 166 7.07 -22.37 14.75
N TYR B 167 7.82 -23.29 14.18
CA TYR B 167 8.83 -22.94 13.18
C TYR B 167 8.39 -23.30 11.77
N ALA B 168 7.12 -23.58 11.55
CA ALA B 168 6.68 -23.87 10.21
C ALA B 168 5.23 -23.43 10.06
N ALA B 169 4.63 -23.79 8.94
CA ALA B 169 3.20 -23.71 8.72
C ALA B 169 2.78 -25.09 8.26
N THR B 170 1.92 -25.73 9.06
CA THR B 170 1.63 -27.17 8.97
C THR B 170 0.17 -27.36 9.31
N LYS B 171 -0.43 -28.37 8.69
CA LYS B 171 -1.86 -28.57 8.74
C LYS B 171 -2.14 -30.02 8.41
N VAL B 172 -3.06 -30.63 9.16
CA VAL B 172 -3.56 -31.95 8.80
C VAL B 172 -4.52 -31.75 7.64
N ILE B 173 -4.20 -32.38 6.50
CA ILE B 173 -4.97 -32.15 5.30
C ILE B 173 -6.43 -32.52 5.51
N ASP B 174 -6.66 -33.75 5.97
CA ASP B 174 -7.98 -34.36 5.97
C ASP B 174 -8.19 -35.07 7.29
N GLU B 175 -9.18 -34.62 8.07
CA GLU B 175 -9.41 -35.22 9.39
C GLU B 175 -9.77 -36.70 9.27
N THR B 176 -10.07 -37.09 8.06
CA THR B 176 -10.24 -38.47 7.70
C THR B 176 -8.95 -39.22 7.84
N GLN B 177 -7.78 -38.66 7.51
CA GLN B 177 -6.55 -39.36 7.72
C GLN B 177 -5.87 -38.47 8.71
N PRO B 178 -6.18 -38.67 9.97
CA PRO B 178 -5.80 -37.77 11.03
C PRO B 178 -4.33 -37.53 11.33
N LEU B 179 -3.47 -38.47 11.01
CA LEU B 179 -2.05 -38.38 11.32
C LEU B 179 -1.19 -38.03 10.10
N ARG B 180 -1.81 -37.52 9.04
CA ARG B 180 -1.09 -37.11 7.85
C ARG B 180 -1.11 -35.58 7.76
N ALA B 181 0.06 -34.96 7.85
CA ALA B 181 0.16 -33.52 7.89
C ALA B 181 1.01 -32.96 6.74
N LEU B 182 0.75 -31.68 6.46
CA LEU B 182 1.32 -30.95 5.31
C LEU B 182 2.02 -29.71 5.83
N THR B 183 3.32 -29.64 5.65
CA THR B 183 4.13 -28.47 5.98
C THR B 183 4.33 -27.71 4.68
N LYS B 184 3.70 -26.54 4.58
CA LYS B 184 3.77 -25.74 3.36
C LYS B 184 4.87 -24.69 3.39
N ALA B 185 5.46 -24.41 4.53
CA ALA B 185 6.53 -23.43 4.62
C ALA B 185 7.22 -23.57 5.97
N VAL B 186 8.46 -23.10 6.02
CA VAL B 186 9.30 -23.21 7.21
C VAL B 186 9.88 -21.82 7.48
N LYS B 187 9.86 -21.43 8.75
CA LYS B 187 10.32 -20.11 9.10
C LYS B 187 11.83 -19.98 8.94
N ARG B 188 12.27 -18.73 8.96
CA ARG B 188 13.69 -18.43 8.78
C ARG B 188 14.40 -18.67 10.10
N ARG B 189 13.81 -18.22 11.18
CA ARG B 189 14.50 -18.21 12.45
C ARG B 189 13.49 -18.15 13.58
N VAL B 190 13.82 -18.88 14.65
CA VAL B 190 13.13 -18.83 15.93
C VAL B 190 14.18 -18.72 17.04
N TYR B 191 13.68 -18.45 18.24
CA TYR B 191 14.49 -18.25 19.42
C TYR B 191 14.07 -19.26 20.49
N LEU B 192 15.04 -19.66 21.30
CA LEU B 192 14.84 -20.69 22.31
C LEU B 192 15.55 -20.27 23.58
N GLY B 193 14.80 -20.19 24.67
CA GLY B 193 15.36 -19.89 25.97
C GLY B 193 14.93 -20.94 26.96
N SER B 194 15.71 -21.06 28.04
CA SER B 194 15.55 -22.15 29.00
C SER B 194 15.48 -21.65 30.43
N SER B 195 14.59 -22.28 31.22
CA SER B 195 14.50 -21.99 32.64
C SER B 195 15.78 -22.28 33.40
N ARG B 196 16.69 -23.06 32.84
CA ARG B 196 17.94 -23.37 33.52
C ARG B 196 19.05 -22.56 32.86
N PRO B 197 19.77 -21.74 33.59
CA PRO B 197 20.81 -20.94 32.97
C PRO B 197 21.87 -21.78 32.30
N ASP B 198 22.33 -21.42 31.11
CA ASP B 198 23.30 -22.17 30.35
C ASP B 198 22.87 -23.62 30.28
N CYS B 199 21.67 -23.85 29.81
CA CYS B 199 21.08 -25.14 29.77
C CYS B 199 21.56 -26.00 28.62
N PRO B 200 21.90 -27.25 28.91
CA PRO B 200 22.38 -28.14 27.85
C PRO B 200 21.36 -28.47 26.76
N ALA B 201 20.18 -28.97 27.18
CA ALA B 201 19.14 -29.43 26.26
C ALA B 201 18.74 -28.38 25.24
N ARG B 202 19.02 -27.11 25.51
CA ARG B 202 18.84 -26.07 24.52
C ARG B 202 19.62 -26.36 23.23
N GLU B 203 20.88 -26.76 23.36
CA GLU B 203 21.69 -27.06 22.18
C GLU B 203 21.12 -28.26 21.42
N THR B 204 20.67 -29.28 22.13
CA THR B 204 20.07 -30.42 21.46
C THR B 204 18.89 -29.99 20.60
N TRP B 205 17.97 -29.21 21.18
CA TRP B 205 16.79 -28.78 20.42
C TRP B 205 17.14 -27.84 19.28
N ARG B 206 18.17 -26.99 19.45
CA ARG B 206 18.64 -26.22 18.30
C ARG B 206 18.97 -27.13 17.11
N ARG B 207 19.73 -28.20 17.33
CA ARG B 207 20.06 -29.09 16.23
C ARG B 207 18.82 -29.79 15.69
N VAL B 208 17.92 -30.25 16.58
CA VAL B 208 16.76 -30.99 16.10
C VAL B 208 16.00 -30.14 15.10
N LEU B 209 15.70 -28.91 15.47
CA LEU B 209 14.87 -28.09 14.60
C LEU B 209 15.64 -27.61 13.40
N ALA B 210 16.95 -27.41 13.53
CA ALA B 210 17.76 -27.06 12.35
C ALA B 210 17.57 -28.07 11.21
N GLY B 211 17.22 -29.34 11.53
CA GLY B 211 16.97 -30.32 10.48
C GLY B 211 15.89 -29.88 9.51
N SER B 212 14.95 -29.06 9.97
CA SER B 212 13.89 -28.57 9.11
C SER B 212 14.32 -27.38 8.28
N GLY B 213 15.45 -26.78 8.60
CA GLY B 213 15.93 -25.62 7.86
C GLY B 213 15.79 -24.32 8.61
N VAL B 214 15.11 -24.32 9.75
CA VAL B 214 15.00 -23.12 10.56
C VAL B 214 16.30 -22.92 11.32
N GLU B 215 16.70 -21.65 11.48
CA GLU B 215 17.80 -21.31 12.38
C GLU B 215 17.23 -21.04 13.76
N VAL B 216 17.76 -21.70 14.77
CA VAL B 216 17.31 -21.57 16.14
C VAL B 216 18.41 -20.80 16.86
N VAL B 217 18.03 -19.72 17.50
CA VAL B 217 18.97 -18.81 18.15
C VAL B 217 18.71 -18.95 19.65
N PRO B 218 19.62 -19.56 20.41
CA PRO B 218 19.38 -19.66 21.84
C PRO B 218 19.51 -18.28 22.44
N LEU B 219 18.56 -17.93 23.30
CA LEU B 219 18.70 -16.74 24.12
C LEU B 219 18.88 -17.10 25.59
N ALA B 220 19.25 -16.08 26.38
CA ALA B 220 19.72 -16.31 27.74
C ALA B 220 18.60 -16.54 28.75
N THR B 221 17.38 -16.13 28.46
CA THR B 221 16.27 -16.41 29.37
C THR B 221 15.04 -16.82 28.58
N PRO B 222 14.07 -17.44 29.23
CA PRO B 222 12.82 -17.79 28.52
C PRO B 222 12.07 -16.59 28.01
N GLU B 223 12.11 -15.46 28.72
CA GLU B 223 11.27 -14.33 28.34
C GLU B 223 11.87 -13.59 27.14
N ALA B 224 13.18 -13.63 26.99
CA ALA B 224 13.78 -13.10 25.78
C ALA B 224 13.22 -13.79 24.56
N ALA B 225 13.10 -15.12 24.59
CA ALA B 225 12.51 -15.83 23.46
C ALA B 225 11.00 -15.61 23.37
N GLU B 226 10.28 -15.61 24.51
CA GLU B 226 8.82 -15.45 24.46
C GLU B 226 8.44 -14.09 23.86
N GLY B 227 9.26 -13.06 24.08
CA GLY B 227 9.01 -11.74 23.56
C GLY B 227 9.30 -11.55 22.09
N ARG B 228 9.75 -12.61 21.40
CA ARG B 228 10.01 -12.64 19.97
C ARG B 228 8.99 -13.52 19.25
N ASN B 229 7.75 -13.55 19.74
CA ASN B 229 6.63 -14.11 18.98
C ASN B 229 6.01 -13.00 18.14
N VAL B 230 6.03 -13.15 16.82
CA VAL B 230 5.58 -12.09 15.93
C VAL B 230 4.09 -11.79 16.08
N THR B 231 3.25 -12.80 16.38
CA THR B 231 1.81 -12.55 16.39
C THR B 231 1.42 -11.62 17.52
N THR B 232 2.14 -11.66 18.63
CA THR B 232 1.86 -10.76 19.73
C THR B 232 1.88 -9.30 19.27
N TYR B 233 2.84 -8.96 18.40
CA TYR B 233 3.05 -7.58 17.95
C TYR B 233 2.18 -7.24 16.75
N VAL B 234 1.83 -8.21 15.90
CA VAL B 234 1.08 -7.94 14.68
C VAL B 234 -0.40 -8.27 14.82
N HIS B 235 -0.73 -9.46 15.33
CA HIS B 235 -2.15 -9.81 15.44
C HIS B 235 -2.89 -8.86 16.38
N SER B 236 -2.28 -8.51 17.47
CA SER B 236 -2.95 -7.65 18.43
C SER B 236 -3.49 -6.37 17.81
N PRO B 237 -2.63 -5.51 17.24
CA PRO B 237 -3.15 -4.26 16.66
C PRO B 237 -4.06 -4.44 15.46
N PHE B 238 -3.83 -5.45 14.65
CA PHE B 238 -4.53 -5.52 13.38
C PHE B 238 -5.87 -6.23 13.50
N PHE B 239 -5.94 -7.30 14.32
CA PHE B 239 -7.08 -8.19 14.36
C PHE B 239 -7.88 -8.11 15.64
N LEU B 240 -7.48 -7.26 16.58
CA LEU B 240 -8.34 -6.92 17.71
C LEU B 240 -9.05 -5.59 17.50
N GLY B 241 -8.84 -4.94 16.36
CA GLY B 241 -9.48 -3.67 16.05
C GLY B 241 -10.86 -3.83 15.45
N GLU B 242 -11.50 -2.67 15.23
CA GLU B 242 -12.94 -2.63 14.91
C GLU B 242 -13.20 -3.25 13.55
N PHE B 243 -12.38 -2.95 12.54
CA PHE B 243 -12.61 -3.48 11.20
C PHE B 243 -12.49 -5.00 11.16
N ALA B 244 -11.47 -5.55 11.83
CA ALA B 244 -11.25 -6.99 11.75
C ALA B 244 -12.36 -7.74 12.48
N LEU B 245 -12.79 -7.24 13.62
CA LEU B 245 -13.89 -7.90 14.34
C LEU B 245 -15.21 -7.83 13.57
N ALA B 246 -15.45 -6.75 12.84
CA ALA B 246 -16.66 -6.66 12.04
C ALA B 246 -16.65 -7.73 10.95
N ARG B 247 -15.50 -8.00 10.33
CA ARG B 247 -15.43 -9.11 9.38
C ARG B 247 -15.56 -10.44 10.10
N ILE B 248 -14.81 -10.62 11.19
CA ILE B 248 -14.75 -11.92 11.83
C ILE B 248 -16.11 -12.33 12.37
N LEU B 249 -16.85 -11.37 12.90
CA LEU B 249 -18.17 -11.65 13.46
C LEU B 249 -19.27 -11.59 12.43
N SER B 250 -18.89 -11.34 11.17
CA SER B 250 -19.81 -11.20 10.04
C SER B 250 -20.29 -12.58 9.60
N GLU B 251 -21.54 -12.64 9.18
CA GLU B 251 -22.10 -13.88 8.66
C GLU B 251 -22.15 -13.86 7.15
N GLN B 252 -22.61 -12.76 6.60
CA GLN B 252 -22.80 -12.55 5.18
C GLN B 252 -21.92 -11.39 4.74
N GLY B 253 -21.60 -11.38 3.47
CA GLY B 253 -20.68 -10.40 2.95
C GLY B 253 -19.35 -11.06 2.70
N PRO B 254 -18.50 -10.40 1.91
CA PRO B 254 -17.15 -10.93 1.74
C PRO B 254 -16.38 -10.78 3.03
N PRO B 255 -15.44 -11.68 3.30
CA PRO B 255 -14.76 -11.67 4.60
C PRO B 255 -13.65 -10.63 4.73
N GLY B 256 -13.22 -10.01 3.63
CA GLY B 256 -12.11 -9.07 3.70
C GLY B 256 -10.80 -9.81 3.77
N PHE B 257 -9.73 -9.02 3.91
CA PHE B 257 -8.37 -9.55 3.80
C PHE B 257 -7.55 -9.04 4.98
N MET B 258 -6.78 -9.93 5.57
CA MET B 258 -6.18 -9.62 6.86
C MET B 258 -5.07 -8.60 6.74
N TYR B 259 -4.40 -8.51 5.59
CA TYR B 259 -3.21 -7.68 5.48
C TYR B 259 -3.36 -6.60 4.41
N LYS B 260 -4.57 -6.31 3.96
CA LYS B 260 -4.71 -5.20 3.03
C LYS B 260 -5.04 -3.93 3.78
N LEU B 261 -4.97 -2.82 3.07
CA LEU B 261 -5.29 -1.51 3.60
C LEU B 261 -6.81 -1.32 3.61
N TYR B 262 -7.27 -0.45 4.49
CA TYR B 262 -8.65 -0.02 4.46
C TYR B 262 -8.95 0.61 3.10
N PRO B 263 -10.12 0.32 2.49
CA PRO B 263 -11.19 -0.50 3.07
C PRO B 263 -11.18 -2.02 2.77
N GLU B 264 -10.16 -2.57 2.14
CA GLU B 264 -10.20 -4.02 1.87
C GLU B 264 -9.70 -4.84 3.05
N GLY B 265 -9.00 -4.20 3.98
CA GLY B 265 -8.40 -4.88 5.09
C GLY B 265 -8.29 -3.93 6.25
N PRO B 266 -7.65 -4.37 7.33
CA PRO B 266 -7.67 -3.61 8.58
C PRO B 266 -6.58 -2.58 8.75
N ILE B 267 -5.67 -2.46 7.80
CA ILE B 267 -4.46 -1.67 8.00
C ILE B 267 -4.72 -0.21 7.64
N THR B 268 -4.49 0.66 8.60
CA THR B 268 -4.70 2.08 8.49
C THR B 268 -3.56 2.74 9.25
N PRO B 269 -3.39 4.04 9.10
CA PRO B 269 -2.47 4.73 10.00
C PRO B 269 -2.80 4.47 11.46
N GLY B 270 -4.08 4.54 11.83
CA GLY B 270 -4.43 4.29 13.22
C GLY B 270 -3.99 2.92 13.72
N ALA B 271 -4.13 1.89 12.90
CA ALA B 271 -3.73 0.56 13.33
C ALA B 271 -2.20 0.48 13.45
N ILE B 272 -1.49 1.23 12.64
CA ILE B 272 -0.04 1.25 12.74
C ILE B 272 0.40 1.99 13.99
N GLY B 273 -0.33 3.05 14.35
CA GLY B 273 -0.07 3.71 15.62
C GLY B 273 -0.24 2.75 16.78
N ALA B 274 -1.33 1.96 16.75
CA ALA B 274 -1.55 0.95 17.77
C ALA B 274 -0.38 -0.02 17.82
N MET B 275 0.09 -0.44 16.65
CA MET B 275 1.22 -1.36 16.59
C MET B 275 2.46 -0.76 17.24
N ARG B 276 2.80 0.48 16.89
CA ARG B 276 3.98 1.07 17.49
C ARG B 276 3.81 1.15 19.00
N ARG B 277 2.69 1.69 19.46
CA ARG B 277 2.49 1.92 20.89
C ARG B 277 2.46 0.60 21.66
N LEU B 278 1.89 -0.45 21.08
CA LEU B 278 1.89 -1.73 21.78
C LEU B 278 3.31 -2.29 21.87
N TRP B 279 4.11 -2.13 20.80
CA TRP B 279 5.50 -2.56 20.84
C TRP B 279 6.26 -1.83 21.95
N CYS B 280 6.07 -0.52 22.07
CA CYS B 280 6.64 0.18 23.20
C CYS B 280 6.25 -0.45 24.53
N GLU B 281 4.96 -0.81 24.70
CA GLU B 281 4.51 -1.30 26.00
C GLU B 281 5.11 -2.67 26.29
N LEU B 282 5.07 -3.55 25.30
CA LEU B 282 5.64 -4.88 25.44
C LEU B 282 7.13 -4.81 25.75
N SER B 283 7.85 -3.91 25.07
CA SER B 283 9.29 -3.81 25.24
C SER B 283 9.64 -3.41 26.66
N GLU B 284 8.90 -2.45 27.22
CA GLU B 284 9.13 -2.06 28.62
C GLU B 284 8.82 -3.23 29.56
N LEU B 285 7.77 -4.01 29.28
CA LEU B 285 7.48 -5.15 30.13
C LEU B 285 8.65 -6.13 30.10
N LEU B 286 9.09 -6.50 28.90
CA LEU B 286 10.23 -7.38 28.77
C LEU B 286 11.41 -6.85 29.57
N ARG B 287 11.69 -5.56 29.47
CA ARG B 287 12.83 -5.01 30.18
C ARG B 287 12.69 -5.20 31.69
N ARG B 288 11.49 -4.92 32.22
CA ARG B 288 11.23 -5.11 33.64
C ARG B 288 11.33 -6.57 34.06
N MET B 289 11.16 -7.47 33.10
CA MET B 289 11.26 -8.91 33.34
C MET B 289 12.68 -9.45 33.14
N GLY B 290 13.61 -8.60 32.71
CA GLY B 290 14.98 -8.99 32.49
C GLY B 290 15.31 -9.45 31.10
N ALA B 291 14.50 -9.09 30.12
CA ALA B 291 14.70 -9.50 28.75
C ALA B 291 14.96 -8.29 27.88
N GLU B 292 15.86 -8.48 26.91
CA GLU B 292 16.20 -7.43 25.97
C GLU B 292 15.11 -7.40 24.88
N PRO B 293 14.43 -6.29 24.66
CA PRO B 293 13.34 -6.27 23.70
C PRO B 293 13.92 -6.28 22.28
N LEU B 294 13.01 -6.26 21.32
CA LEU B 294 13.39 -6.36 19.91
C LEU B 294 13.13 -5.04 19.18
N ASN B 295 13.79 -4.92 18.04
CA ASN B 295 13.57 -3.88 17.04
C ASN B 295 12.45 -4.40 16.15
N LEU B 296 11.25 -3.82 16.28
CA LEU B 296 10.10 -4.40 15.59
C LEU B 296 10.34 -4.47 14.09
N LEU B 297 10.77 -3.37 13.50
CA LEU B 297 10.99 -3.30 12.06
C LEU B 297 12.04 -4.30 11.57
N ARG B 298 13.13 -4.38 12.28
CA ARG B 298 14.13 -5.38 11.97
C ARG B 298 13.60 -6.83 12.08
N PHE B 299 12.84 -7.14 13.10
CA PHE B 299 12.27 -8.40 13.34
C PHE B 299 11.32 -8.78 12.27
N LEU B 300 10.47 -7.88 11.82
CA LEU B 300 9.55 -8.20 10.74
C LEU B 300 10.28 -8.44 9.43
N ASN B 301 11.23 -7.55 9.10
CA ASN B 301 11.90 -7.62 7.82
C ASN B 301 12.85 -8.81 7.75
N ASP B 302 13.63 -9.02 8.79
CA ASP B 302 14.68 -10.03 8.74
C ASP B 302 14.22 -11.39 9.20
N ASP B 303 13.23 -11.48 10.11
CA ASP B 303 12.74 -12.78 10.57
C ASP B 303 11.49 -13.24 9.86
N ASN B 304 10.76 -12.35 9.19
CA ASN B 304 9.53 -12.80 8.58
C ASN B 304 9.46 -12.63 7.07
N TYR B 305 9.25 -11.42 6.55
CA TYR B 305 9.33 -11.21 5.08
C TYR B 305 9.99 -9.88 4.74
N PRO B 306 11.03 -9.90 3.90
CA PRO B 306 11.78 -8.68 3.61
C PRO B 306 11.12 -7.90 2.50
N VAL B 307 11.56 -6.64 2.37
CA VAL B 307 11.25 -5.80 1.22
C VAL B 307 12.57 -5.19 0.74
N HIS B 308 12.52 -4.61 -0.46
CA HIS B 308 13.70 -4.06 -1.09
C HIS B 308 14.19 -2.83 -0.36
N GLU B 309 15.48 -2.54 -0.54
CA GLU B 309 16.12 -1.36 0.02
C GLU B 309 15.41 -0.08 -0.39
N THR B 310 14.84 -0.03 -1.59
CA THR B 310 14.23 1.23 -1.99
C THR B 310 12.94 1.48 -1.23
N MET B 311 12.30 0.44 -0.70
CA MET B 311 11.14 0.70 0.16
C MET B 311 11.59 0.91 1.60
N LEU B 312 12.49 0.06 2.11
CA LEU B 312 12.98 0.18 3.48
C LEU B 312 14.50 0.12 3.51
N PRO B 313 15.18 1.26 3.64
CA PRO B 313 16.65 1.22 3.66
C PRO B 313 17.13 0.46 4.86
N ARG B 314 18.19 -0.32 4.65
CA ARG B 314 18.80 -1.06 5.75
C ARG B 314 19.12 -0.13 6.90
N ALA B 315 19.58 1.10 6.64
CA ALA B 315 19.89 1.98 7.75
C ALA B 315 18.63 2.40 8.49
N SER B 316 17.51 2.42 7.79
CA SER B 316 16.25 2.76 8.47
C SER B 316 15.77 1.58 9.29
N ILE B 317 15.89 0.37 8.73
CA ILE B 317 15.59 -0.84 9.46
C ILE B 317 16.43 -0.93 10.72
N ASP B 318 17.75 -0.79 10.59
CA ASP B 318 18.63 -0.99 11.75
C ASP B 318 18.45 0.13 12.77
N GLY B 319 18.09 1.32 12.32
CA GLY B 319 17.96 2.46 13.22
C GLY B 319 16.56 2.66 13.75
N PHE B 320 15.63 1.77 13.41
CA PHE B 320 14.22 1.96 13.76
C PHE B 320 13.98 2.30 15.24
N ALA B 321 14.60 1.61 16.16
CA ALA B 321 14.35 1.82 17.56
C ALA B 321 14.66 3.21 18.00
N GLU B 322 15.62 3.82 17.38
CA GLU B 322 16.00 5.14 17.71
C GLU B 322 15.37 6.26 16.84
N ALA B 323 14.56 5.90 15.87
CA ALA B 323 13.95 6.83 14.96
C ALA B 323 12.95 7.92 15.40
N GLY B 324 12.20 7.77 16.47
CA GLY B 324 11.17 8.76 16.73
C GLY B 324 9.85 8.20 16.26
N ALA B 325 8.79 8.56 16.92
CA ALA B 325 7.55 7.80 16.72
C ALA B 325 6.95 7.98 15.32
N GLU B 326 7.01 9.20 14.79
CA GLU B 326 6.42 9.46 13.49
C GLU B 326 7.15 8.73 12.38
N ARG B 327 8.47 8.82 12.36
CA ARG B 327 9.25 7.99 11.43
C ARG B 327 8.95 6.52 11.61
N GLN B 328 8.92 6.04 12.86
CA GLN B 328 8.63 4.63 13.11
C GLN B 328 7.28 4.24 12.52
N GLU B 329 6.25 5.07 12.72
CA GLU B 329 4.94 4.73 12.16
C GLU B 329 4.97 4.74 10.63
N TYR B 330 5.63 5.73 10.04
CA TYR B 330 5.77 5.77 8.57
C TYR B 330 6.46 4.52 8.07
N LEU B 331 7.57 4.14 8.71
CA LEU B 331 8.30 2.94 8.27
C LEU B 331 7.45 1.69 8.38
N LEU B 332 6.71 1.54 9.49
CA LEU B 332 5.84 0.39 9.63
C LEU B 332 4.77 0.36 8.53
N PHE B 333 4.14 1.51 8.27
CA PHE B 333 3.15 1.55 7.19
C PHE B 333 3.77 1.20 5.84
N VAL B 334 4.94 1.80 5.53
CA VAL B 334 5.62 1.43 4.29
C VAL B 334 5.80 -0.08 4.22
N ARG B 335 6.22 -0.70 5.34
CA ARG B 335 6.49 -2.14 5.33
C ARG B 335 5.28 -2.94 4.88
N TYR B 336 4.12 -2.68 5.49
CA TYR B 336 2.91 -3.43 5.14
C TYR B 336 2.40 -3.04 3.73
N ALA B 337 2.51 -1.78 3.35
CA ALA B 337 2.11 -1.39 2.02
C ALA B 337 3.00 -2.04 0.96
N ALA B 338 4.29 -2.15 1.26
CA ALA B 338 5.24 -2.79 0.34
C ALA B 338 4.97 -4.26 0.17
N LEU B 339 4.27 -4.87 1.13
CA LEU B 339 3.97 -6.30 1.12
C LEU B 339 2.55 -6.59 0.67
N LEU B 340 1.84 -5.60 0.10
CA LEU B 340 0.54 -5.87 -0.50
C LEU B 340 0.67 -6.91 -1.59
N VAL B 341 1.79 -6.89 -2.31
CA VAL B 341 2.17 -7.95 -3.22
C VAL B 341 3.52 -8.45 -2.72
N ASP B 342 3.86 -9.66 -3.08
CA ASP B 342 5.20 -10.17 -2.73
C ASP B 342 6.19 -9.57 -3.70
N PRO B 343 7.05 -8.64 -3.24
CA PRO B 343 7.95 -7.96 -4.19
C PRO B 343 9.08 -8.83 -4.68
N PHE B 344 9.31 -10.01 -4.09
CA PHE B 344 10.33 -10.95 -4.56
C PHE B 344 9.75 -12.09 -5.36
N SER B 345 8.43 -12.16 -5.47
CA SER B 345 7.79 -13.09 -6.39
C SER B 345 8.04 -12.69 -7.83
N PRO B 346 7.99 -13.65 -8.76
CA PRO B 346 8.17 -13.30 -10.16
C PRO B 346 7.00 -12.50 -10.67
N ALA B 347 7.29 -11.59 -11.54
CA ALA B 347 6.32 -10.76 -12.12
C ALA B 347 5.69 -11.48 -13.22
N ASP B 348 4.43 -11.26 -13.43
CA ASP B 348 3.70 -11.86 -14.52
C ASP B 348 3.84 -11.05 -15.83
N GLU B 349 3.11 -11.40 -16.86
CA GLU B 349 3.20 -10.70 -18.09
C GLU B 349 2.87 -9.27 -17.97
N GLN B 350 1.91 -8.92 -17.13
CA GLN B 350 1.49 -7.53 -16.98
C GLN B 350 2.38 -6.73 -16.02
N GLY B 351 3.35 -7.37 -15.38
CA GLY B 351 4.19 -6.69 -14.43
C GLY B 351 3.66 -6.72 -13.01
N ARG B 352 2.73 -7.61 -12.72
CA ARG B 352 2.16 -7.73 -11.39
C ARG B 352 2.88 -8.79 -10.61
N HIS B 353 2.95 -8.58 -9.33
CA HIS B 353 3.47 -9.56 -8.42
C HIS B 353 2.35 -10.29 -7.68
N PHE B 354 2.72 -11.38 -7.04
CA PHE B 354 1.81 -12.21 -6.32
C PHE B 354 1.06 -11.42 -5.24
N ASP B 355 -0.24 -11.60 -5.14
CA ASP B 355 -1.07 -10.90 -4.20
C ASP B 355 -0.98 -11.58 -2.84
N PHE B 356 0.09 -11.28 -2.16
CA PHE B 356 0.50 -11.81 -0.90
C PHE B 356 -0.35 -11.34 0.25
N SER B 357 -1.04 -10.27 0.05
CA SER B 357 -1.89 -9.74 1.04
C SER B 357 -3.37 -10.27 1.07
N ALA B 358 -3.85 -11.02 0.09
CA ALA B 358 -5.18 -11.50 0.11
C ALA B 358 -5.45 -12.82 0.85
N VAL B 359 -5.26 -12.81 2.15
CA VAL B 359 -5.53 -13.91 3.01
C VAL B 359 -6.85 -13.51 3.60
N PRO B 360 -7.88 -14.26 3.30
CA PRO B 360 -9.21 -13.85 3.79
C PRO B 360 -9.30 -14.06 5.29
N PHE B 361 -10.09 -13.23 5.94
CA PHE B 361 -10.42 -13.47 7.34
C PHE B 361 -11.21 -14.76 7.46
N ARG B 362 -10.79 -15.66 8.34
CA ARG B 362 -11.69 -16.70 8.83
C ARG B 362 -12.69 -16.06 9.78
N ARG B 363 -13.91 -16.60 9.76
CA ARG B 363 -15.01 -16.00 10.50
C ARG B 363 -15.63 -16.97 11.50
N VAL B 364 -16.62 -16.46 12.27
CA VAL B 364 -17.32 -17.30 13.24
C VAL B 364 -18.07 -18.39 12.49
N SER B 365 -18.14 -19.58 13.07
CA SER B 365 -18.89 -20.67 12.49
C SER B 365 -19.46 -21.49 13.62
N ARG B 366 -20.53 -22.22 13.32
CA ARG B 366 -21.17 -23.08 14.30
C ARG B 366 -20.41 -24.38 14.41
N ASP B 367 -20.24 -24.86 15.65
CA ASP B 367 -19.55 -26.13 15.84
C ASP B 367 -20.50 -27.32 15.76
N GLU B 368 -19.95 -28.51 16.02
CA GLU B 368 -20.69 -29.76 16.12
C GLU B 368 -22.05 -29.59 16.79
N ASP B 369 -22.05 -28.99 17.99
CA ASP B 369 -23.24 -28.83 18.81
C ASP B 369 -24.07 -27.63 18.39
N GLY B 370 -23.73 -26.97 17.28
CA GLY B 370 -24.49 -25.82 16.82
C GLY B 370 -24.12 -24.48 17.42
N LEU B 371 -23.01 -24.38 18.14
CA LEU B 371 -22.69 -23.16 18.87
C LEU B 371 -21.62 -22.34 18.16
N TRP B 372 -21.80 -21.02 18.19
CA TRP B 372 -20.90 -20.13 17.49
C TRP B 372 -19.53 -20.19 18.13
N ARG B 373 -18.50 -20.35 17.29
CA ARG B 373 -17.12 -20.35 17.72
C ARG B 373 -16.34 -19.30 16.95
N LEU B 374 -15.43 -18.71 17.58
CA LEU B 374 -14.50 -17.78 17.01
C LEU B 374 -13.31 -18.54 16.41
N PRO B 375 -12.71 -18.05 15.34
CA PRO B 375 -11.51 -18.72 14.82
C PRO B 375 -10.32 -18.39 15.70
N ARG B 376 -9.25 -19.16 15.55
CA ARG B 376 -8.09 -19.02 16.42
C ARG B 376 -7.53 -17.61 16.34
N VAL B 377 -7.52 -17.05 15.15
CA VAL B 377 -7.33 -15.62 15.01
C VAL B 377 -8.72 -15.00 14.99
N PRO B 378 -9.09 -14.16 15.95
CA PRO B 378 -8.32 -13.50 17.02
C PRO B 378 -8.47 -14.10 18.43
N LEU B 379 -9.14 -15.25 18.59
CA LEU B 379 -9.43 -15.76 19.94
C LEU B 379 -8.13 -16.03 20.72
N GLU B 380 -7.18 -16.73 20.09
CA GLU B 380 -5.95 -17.04 20.83
C GLU B 380 -5.16 -15.77 21.10
N ASP B 381 -5.26 -14.79 20.19
CA ASP B 381 -4.53 -13.54 20.35
C ASP B 381 -5.12 -12.72 21.48
N TYR B 382 -6.45 -12.63 21.54
CA TYR B 382 -7.07 -11.96 22.69
C TYR B 382 -6.60 -12.59 24.00
N ARG B 383 -6.62 -13.93 24.06
CA ARG B 383 -6.28 -14.57 25.33
C ARG B 383 -4.84 -14.30 25.70
N LYS B 384 -3.94 -14.37 24.73
CA LYS B 384 -2.55 -14.11 25.05
C LYS B 384 -2.40 -12.69 25.57
N LEU B 385 -3.02 -11.73 24.89
CA LEU B 385 -2.86 -10.32 25.29
C LEU B 385 -3.51 -10.06 26.65
N ALA B 386 -4.63 -10.70 26.92
CA ALA B 386 -5.26 -10.53 28.23
C ALA B 386 -4.31 -10.96 29.34
N LEU B 387 -3.63 -12.09 29.16
CA LEU B 387 -2.68 -12.50 30.19
C LEU B 387 -1.54 -11.50 30.34
N ILE B 388 -0.98 -11.05 29.22
CA ILE B 388 0.15 -10.11 29.26
C ILE B 388 -0.23 -8.83 30.01
N VAL B 389 -1.40 -8.28 29.72
CA VAL B 389 -1.85 -7.09 30.44
C VAL B 389 -1.98 -7.37 31.94
N ALA B 390 -2.55 -8.53 32.30
CA ALA B 390 -2.71 -8.83 33.71
C ALA B 390 -1.35 -9.04 34.37
N LEU B 391 -0.41 -9.65 33.65
CA LEU B 391 0.92 -9.81 34.20
C LEU B 391 1.58 -8.46 34.40
N ALA B 392 1.43 -7.57 33.40
CA ALA B 392 2.10 -6.27 33.43
C ALA B 392 1.66 -5.44 34.63
N ALA B 393 0.40 -5.53 35.01
CA ALA B 393 -0.04 -4.82 36.22
C ALA B 393 0.86 -5.11 37.42
N HIS B 394 1.44 -6.30 37.52
CA HIS B 394 2.30 -6.55 38.67
C HIS B 394 3.62 -5.81 38.61
N PHE B 395 4.03 -5.35 37.43
CA PHE B 395 5.24 -4.55 37.26
C PHE B 395 4.89 -3.07 37.15
N ASP B 396 3.69 -2.69 37.57
CA ASP B 396 3.27 -1.32 37.60
C ASP B 396 3.18 -0.71 36.20
N LEU B 397 2.78 -1.49 35.22
CA LEU B 397 2.65 -1.06 33.84
C LEU B 397 1.18 -1.10 33.45
N ALA B 398 0.61 0.04 33.10
CA ALA B 398 -0.81 0.15 32.80
C ALA B 398 -1.19 -0.47 31.45
N MET B 399 -0.31 -0.29 30.46
CA MET B 399 -0.53 -0.78 29.10
C MET B 399 -1.83 -0.33 28.44
N PRO B 400 -2.06 0.97 28.36
CA PRO B 400 -3.35 1.48 27.84
C PRO B 400 -3.62 1.07 26.39
N GLN B 401 -2.61 1.01 25.52
CA GLN B 401 -2.85 0.54 24.16
C GLN B 401 -3.32 -0.91 24.15
N ALA B 402 -2.63 -1.76 24.89
CA ALA B 402 -3.10 -3.14 24.99
C ALA B 402 -4.53 -3.19 25.51
N ARG B 403 -4.84 -2.43 26.56
CA ARG B 403 -6.22 -2.46 27.12
C ARG B 403 -7.24 -1.91 26.13
N SER B 404 -6.88 -0.90 25.33
CA SER B 404 -7.83 -0.42 24.34
C SER B 404 -8.15 -1.51 23.33
N LEU B 405 -7.17 -2.33 22.98
CA LEU B 405 -7.42 -3.42 22.03
C LEU B 405 -8.23 -4.53 22.66
N LEU B 406 -7.95 -4.85 23.92
CA LEU B 406 -8.77 -5.83 24.62
C LEU B 406 -10.22 -5.36 24.69
N ALA B 407 -10.44 -4.08 25.02
CA ALA B 407 -11.79 -3.53 25.13
C ALA B 407 -12.54 -3.59 23.81
N SER B 408 -11.87 -3.26 22.72
CA SER B 408 -12.48 -3.33 21.40
C SER B 408 -12.95 -4.75 21.09
N TYR B 409 -12.11 -5.75 21.39
CA TYR B 409 -12.52 -7.14 21.23
C TYR B 409 -13.74 -7.46 22.09
N GLU B 410 -13.67 -7.14 23.40
CA GLU B 410 -14.73 -7.50 24.33
C GLU B 410 -16.05 -6.84 23.96
N ASN B 411 -16.02 -5.55 23.59
CA ASN B 411 -17.27 -4.90 23.23
C ASN B 411 -17.86 -5.51 21.97
N ALA B 412 -17.03 -5.78 20.96
CA ALA B 412 -17.53 -6.38 19.73
C ALA B 412 -18.13 -7.76 20.01
N VAL B 413 -17.37 -8.66 20.65
CA VAL B 413 -17.86 -10.01 20.91
C VAL B 413 -19.10 -9.95 21.83
N SER B 414 -19.11 -9.01 22.75
CA SER B 414 -20.27 -8.86 23.61
C SER B 414 -21.53 -8.53 22.82
N ARG B 415 -21.42 -7.67 21.81
CA ARG B 415 -22.60 -7.34 21.01
C ARG B 415 -23.02 -8.50 20.12
N PHE B 416 -22.06 -9.31 19.67
CA PHE B 416 -22.40 -10.50 18.92
C PHE B 416 -23.20 -11.49 19.78
N ILE B 417 -22.87 -11.62 21.06
CA ILE B 417 -23.63 -12.50 21.94
C ILE B 417 -25.03 -11.93 22.15
N ASP B 418 -25.12 -10.62 22.43
CA ASP B 418 -26.41 -9.93 22.48
C ASP B 418 -27.31 -10.29 21.31
N CYS B 419 -26.79 -10.17 20.08
CA CYS B 419 -27.63 -10.41 18.90
C CYS B 419 -27.98 -11.88 18.74
N GLN B 420 -27.01 -12.77 18.91
CA GLN B 420 -27.26 -14.17 18.60
C GLN B 420 -27.86 -14.93 19.77
N GLY B 421 -27.68 -14.41 20.99
CA GLY B 421 -28.12 -15.12 22.18
C GLY B 421 -27.07 -16.05 22.77
N ALA B 422 -26.87 -15.96 24.08
CA ALA B 422 -25.82 -16.74 24.73
C ALA B 422 -26.03 -18.23 24.56
N SER B 423 -27.28 -18.68 24.55
CA SER B 423 -27.58 -20.09 24.31
C SER B 423 -27.03 -20.60 22.98
N GLN B 424 -26.75 -19.70 22.04
CA GLN B 424 -26.25 -20.05 20.72
C GLN B 424 -24.75 -19.90 20.60
N CYS B 425 -24.09 -19.43 21.65
CA CYS B 425 -22.67 -19.10 21.64
C CYS B 425 -21.90 -20.06 22.53
N HIS B 426 -20.77 -20.56 22.01
CA HIS B 426 -19.87 -21.41 22.80
C HIS B 426 -19.26 -20.62 23.96
N PRO B 427 -19.01 -21.27 25.10
CA PRO B 427 -18.56 -20.51 26.29
C PRO B 427 -17.23 -19.81 26.14
N SER B 428 -16.39 -20.22 25.17
CA SER B 428 -15.12 -19.55 24.89
C SER B 428 -15.29 -18.10 24.47
N LEU B 429 -16.50 -17.71 24.07
CA LEU B 429 -16.79 -16.33 23.74
C LEU B 429 -17.07 -15.48 24.98
N TYR B 430 -17.31 -16.11 26.13
CA TYR B 430 -17.73 -15.37 27.30
C TYR B 430 -16.51 -14.71 27.92
N PRO B 431 -16.72 -13.82 28.88
CA PRO B 431 -15.58 -13.10 29.49
C PRO B 431 -14.62 -14.06 30.18
N ILE B 432 -13.34 -13.66 30.23
CA ILE B 432 -12.31 -14.42 30.92
C ILE B 432 -11.57 -13.49 31.89
N ASP B 433 -10.98 -14.10 32.90
CA ASP B 433 -10.25 -13.41 33.95
C ASP B 433 -8.88 -14.09 33.99
N SER B 434 -7.86 -13.39 33.54
CA SER B 434 -6.53 -13.95 33.48
C SER B 434 -5.69 -13.59 34.70
N ARG B 435 -6.28 -12.95 35.69
CA ARG B 435 -5.48 -12.50 36.83
C ARG B 435 -4.92 -13.64 37.67
N PRO B 436 -5.66 -14.73 37.83
CA PRO B 436 -5.09 -15.85 38.61
C PRO B 436 -3.84 -16.42 37.97
N ALA B 437 -3.80 -16.56 36.66
CA ALA B 437 -2.57 -17.03 36.02
C ALA B 437 -1.48 -15.96 36.10
N ALA B 438 -1.84 -14.68 35.93
CA ALA B 438 -0.87 -13.60 36.05
C ALA B 438 -0.19 -13.63 37.42
N ASP B 439 -0.99 -13.81 38.47
CA ASP B 439 -0.44 -13.78 39.82
C ASP B 439 0.55 -14.91 40.03
N ALA B 440 0.26 -16.10 39.49
CA ALA B 440 1.17 -17.22 39.65
C ALA B 440 2.46 -17.01 38.87
N ILE B 441 2.38 -16.46 37.65
CA ILE B 441 3.59 -16.10 36.90
C ILE B 441 4.46 -15.16 37.73
N TYR B 442 3.83 -14.11 38.30
CA TYR B 442 4.60 -13.12 39.07
C TYR B 442 5.20 -13.74 40.32
N ARG B 443 4.41 -14.56 41.03
CA ARG B 443 4.95 -15.23 42.21
C ARG B 443 6.16 -16.09 41.84
N GLN B 444 6.02 -16.91 40.79
CA GLN B 444 7.14 -17.73 40.37
C GLN B 444 8.34 -16.88 39.98
N TRP B 445 8.10 -15.73 39.33
CA TRP B 445 9.20 -14.86 38.90
C TRP B 445 9.93 -14.26 40.08
N CYS B 446 9.22 -13.93 41.15
CA CYS B 446 9.86 -13.37 42.34
C CYS B 446 10.48 -14.42 43.25
N SER B 447 10.24 -15.71 42.99
CA SER B 447 10.71 -16.79 43.86
C SER B 447 12.24 -16.77 44.05
#